data_3WII
#
_entry.id   3WII
#
_cell.length_a   41.823
_cell.length_b   136.490
_cell.length_c   77.512
_cell.angle_alpha   90.00
_cell.angle_beta   91.86
_cell.angle_gamma   90.00
#
_symmetry.space_group_name_H-M   'P 1 21 1'
#
loop_
_entity.id
_entity.type
_entity.pdbx_description
1 polymer 'anti-human ROBO1 antibody B2212A Fab light chain'
2 polymer 'anti-human ROBO1 antibody B2212A Fab heavy chain'
3 water water
#
loop_
_entity_poly.entity_id
_entity_poly.type
_entity_poly.pdbx_seq_one_letter_code
_entity_poly.pdbx_strand_id
1 'polypeptide(L)'
;DIQMTQTTSSLSASLGDRVTISCRASQDISNFLNWYQQKPDGTVKLLIYYTSRLHSGVPSRFSGSGSGTDFSLTISKLEQ
EDIATYFCQQGNTLPLTFGAGTKLELKRAEAAPTVSIFPPSSEQLTSGGASVVCFLNNFYPKDINVKWKIDGSERQNGVL
NSWTDQDSKDSTYSMSSTLTLTKDEYERHNSYTCEATHKTSTSPIVKSFNRNE
;
L,M
2 'polypeptide(L)'
;EVQLQQSGPELVKPGASVKISCKASGYTFTDYYMNWVKLSHGKSLEWIGDIVPNNGDTTYNQNFRGKATLTVDKSSSTAY
MELRSLTSEDSAVYYCARFSNYVYPFDYWGQGTTLTVSSAKTTAPSVYPLAPVCGDTTGSSVTLGCLVKGYFPEPVTLTW
NSGSLSSGVHTFPAILQSDLYTLSSSVTVTSSTWPSQSITCNVAHPASSTKVDKKIEPRA
;
H,I
#
# COMPACT_ATOMS: atom_id res chain seq x y z
N ASP A 1 -32.02 38.43 9.77
CA ASP A 1 -32.59 37.17 9.32
C ASP A 1 -33.47 36.58 10.42
N ILE A 2 -34.15 35.47 10.13
CA ILE A 2 -34.92 34.81 11.16
C ILE A 2 -34.05 33.72 11.76
N GLN A 3 -33.83 33.81 13.07
CA GLN A 3 -33.06 32.78 13.78
C GLN A 3 -33.97 31.67 14.30
N MET A 4 -33.66 30.45 13.89
CA MET A 4 -34.36 29.28 14.40
C MET A 4 -33.58 28.63 15.54
N THR A 5 -34.23 28.44 16.68
CA THR A 5 -33.53 27.91 17.83
C THR A 5 -34.12 26.59 18.27
N GLN A 6 -33.26 25.56 18.35
CA GLN A 6 -33.59 24.28 18.94
C GLN A 6 -32.80 24.14 20.25
N THR A 7 -33.43 24.53 21.36
CA THR A 7 -32.71 24.74 22.62
C THR A 7 -32.11 23.45 23.16
N THR A 8 -32.77 22.32 22.89
CA THR A 8 -32.19 21.04 23.23
C THR A 8 -31.40 20.51 22.04
N SER A 9 -30.14 20.21 22.28
CA SER A 9 -29.24 19.78 21.21
C SER A 9 -29.12 18.26 21.15
N SER A 10 -29.42 17.59 22.26
CA SER A 10 -29.46 16.14 22.31
C SER A 10 -30.45 15.66 23.35
N LEU A 11 -31.36 14.78 22.96
CA LEU A 11 -32.42 14.32 23.82
C LEU A 11 -32.35 12.80 23.95
N SER A 12 -32.42 12.31 25.18
CA SER A 12 -32.38 10.87 25.44
C SER A 12 -33.79 10.35 25.70
N ALA A 13 -34.14 9.22 25.09
CA ALA A 13 -35.43 8.61 25.35
C ALA A 13 -35.32 7.09 25.30
N SER A 14 -36.40 6.41 25.67
CA SER A 14 -36.46 4.96 25.54
C SER A 14 -37.29 4.61 24.33
N LEU A 15 -36.98 3.47 23.69
CA LEU A 15 -37.84 2.97 22.62
C LEU A 15 -39.30 2.87 23.09
N GLY A 16 -40.22 3.37 22.28
CA GLY A 16 -41.62 3.35 22.63
C GLY A 16 -42.10 4.64 23.30
N ASP A 17 -41.15 5.47 23.74
CA ASP A 17 -41.51 6.75 24.35
C ASP A 17 -42.14 7.72 23.34
N ARG A 18 -42.93 8.64 23.87
CA ARG A 18 -43.41 9.77 23.07
C ARG A 18 -42.38 10.88 23.19
N VAL A 19 -41.79 11.25 22.06
CA VAL A 19 -40.68 12.18 22.03
C VAL A 19 -41.09 13.45 21.31
N THR A 20 -40.84 14.59 21.95
CA THR A 20 -41.17 15.86 21.31
C THR A 20 -39.91 16.72 21.21
N ILE A 21 -39.69 17.31 20.03
CA ILE A 21 -38.57 18.22 19.77
C ILE A 21 -39.08 19.63 19.54
N SER A 22 -38.53 20.58 20.29
CA SER A 22 -38.95 21.98 20.22
C SER A 22 -38.19 22.79 19.17
N CYS A 23 -38.89 23.73 18.54
CA CYS A 23 -38.32 24.68 17.60
C CYS A 23 -38.94 26.06 17.85
N ARG A 24 -38.11 27.09 17.96
CA ARG A 24 -38.65 28.44 18.12
C ARG A 24 -38.05 29.40 17.09
N ALA A 25 -38.87 30.33 16.61
CA ALA A 25 -38.45 31.29 15.61
C ALA A 25 -38.29 32.68 16.24
N SER A 26 -37.32 33.45 15.77
CA SER A 26 -37.08 34.79 16.34
C SER A 26 -38.16 35.81 15.97
N GLN A 27 -38.98 35.49 14.97
CA GLN A 27 -40.16 36.27 14.66
C GLN A 27 -41.20 35.37 14.03
N ASP A 28 -42.40 35.91 13.82
CA ASP A 28 -43.53 35.14 13.32
C ASP A 28 -43.25 34.57 11.92
N ILE A 29 -43.39 33.26 11.76
CA ILE A 29 -43.17 32.64 10.47
C ILE A 29 -44.44 31.93 9.99
N SER A 30 -45.56 32.29 10.61
CA SER A 30 -46.85 31.66 10.35
C SER A 30 -46.75 30.17 10.55
N ASN A 31 -47.03 29.43 9.48
CA ASN A 31 -46.86 28.00 9.52
C ASN A 31 -45.89 27.49 8.45
N PHE A 32 -45.07 28.38 7.91
CA PHE A 32 -44.02 27.96 6.99
C PHE A 32 -42.84 27.41 7.75
N LEU A 33 -43.04 26.21 8.30
CA LEU A 33 -42.03 25.51 9.10
C LEU A 33 -41.94 24.04 8.73
N ASN A 34 -40.74 23.60 8.38
CA ASN A 34 -40.50 22.25 7.92
C ASN A 34 -39.52 21.53 8.83
N TRP A 35 -39.61 20.20 8.86
CA TRP A 35 -38.72 19.37 9.65
C TRP A 35 -37.99 18.33 8.81
N TYR A 36 -36.67 18.25 8.99
CA TYR A 36 -35.85 17.26 8.28
C TYR A 36 -35.13 16.32 9.23
N GLN A 37 -34.89 15.11 8.73
CA GLN A 37 -34.14 14.07 9.44
C GLN A 37 -32.79 13.82 8.79
N GLN A 38 -31.71 13.85 9.56
CA GLN A 38 -30.39 13.54 9.04
C GLN A 38 -29.78 12.33 9.71
N LYS A 39 -29.20 11.44 8.90
CA LYS A 39 -28.53 10.24 9.40
C LYS A 39 -27.02 10.23 9.08
N PRO A 40 -26.23 9.44 9.84
CA PRO A 40 -24.77 9.35 9.70
C PRO A 40 -24.29 9.11 8.27
N ASP A 41 -25.07 8.42 7.46
CA ASP A 41 -24.69 8.15 6.08
C ASP A 41 -24.86 9.39 5.20
N GLY A 42 -25.28 10.48 5.82
CA GLY A 42 -25.39 11.75 5.12
C GLY A 42 -26.75 12.00 4.52
N THR A 43 -27.66 11.04 4.67
CA THR A 43 -28.97 11.15 4.05
C THR A 43 -29.84 12.16 4.77
N VAL A 44 -30.44 13.05 3.99
CA VAL A 44 -31.33 14.06 4.55
C VAL A 44 -32.68 13.84 3.90
N LYS A 45 -33.71 13.71 4.73
CA LYS A 45 -35.06 13.50 4.26
C LYS A 45 -36.01 14.51 4.89
N LEU A 46 -36.98 14.97 4.11
CA LEU A 46 -38.12 15.72 4.63
C LEU A 46 -39.07 14.82 5.42
N LEU A 47 -39.53 15.31 6.57
CA LEU A 47 -40.49 14.53 7.38
C LEU A 47 -41.85 15.20 7.42
N ILE A 48 -41.82 16.46 7.84
CA ILE A 48 -43.01 17.26 8.04
C ILE A 48 -42.83 18.60 7.35
N TYR A 49 -43.86 19.06 6.65
CA TYR A 49 -43.81 20.38 6.06
C TYR A 49 -45.03 21.21 6.43
N TYR A 50 -44.90 22.52 6.27
CA TYR A 50 -45.98 23.45 6.61
C TYR A 50 -46.55 23.14 8.00
N THR A 51 -45.64 23.07 8.97
CA THR A 51 -45.93 22.83 10.38
C THR A 51 -46.40 21.42 10.71
N SER A 52 -47.40 20.91 9.98
CA SER A 52 -48.06 19.68 10.42
C SER A 52 -48.34 18.65 9.34
N ARG A 53 -47.96 18.93 8.11
CA ARG A 53 -48.26 17.99 7.02
C ARG A 53 -47.19 16.91 6.88
N LEU A 54 -47.64 15.67 6.75
CA LEU A 54 -46.72 14.53 6.65
C LEU A 54 -46.25 14.30 5.22
N HIS A 55 -44.94 14.29 5.01
CA HIS A 55 -44.39 14.03 3.68
C HIS A 55 -44.66 12.60 3.24
N SER A 56 -44.81 12.41 1.92
CA SER A 56 -45.13 11.11 1.37
C SER A 56 -44.15 10.04 1.83
N GLY A 57 -44.68 8.95 2.39
CA GLY A 57 -43.85 7.83 2.80
C GLY A 57 -43.27 7.93 4.20
N VAL A 58 -43.63 8.99 4.92
CA VAL A 58 -43.17 9.14 6.30
C VAL A 58 -44.17 8.47 7.24
N PRO A 59 -43.66 7.62 8.16
CA PRO A 59 -44.49 6.92 9.16
C PRO A 59 -45.43 7.85 9.94
N SER A 60 -46.62 7.36 10.27
CA SER A 60 -47.66 8.16 10.93
C SER A 60 -47.33 8.52 12.37
N ARG A 61 -46.27 7.92 12.91
CA ARG A 61 -45.86 8.23 14.28
C ARG A 61 -45.26 9.63 14.33
N PHE A 62 -44.91 10.18 13.18
CA PHE A 62 -44.42 11.56 13.12
C PHE A 62 -45.56 12.55 13.01
N SER A 63 -45.53 13.57 13.85
CA SER A 63 -46.50 14.65 13.77
C SER A 63 -45.85 16.00 14.09
N GLY A 64 -46.50 17.06 13.68
CA GLY A 64 -45.98 18.40 13.84
C GLY A 64 -47.05 19.34 14.35
N SER A 65 -46.65 20.31 15.17
CA SER A 65 -47.58 21.28 15.73
C SER A 65 -46.91 22.65 15.86
N GLY A 66 -47.71 23.68 16.08
CA GLY A 66 -47.18 25.01 16.34
C GLY A 66 -47.81 26.10 15.51
N SER A 67 -47.35 27.32 15.74
CA SER A 67 -47.76 28.51 14.98
C SER A 67 -46.99 29.72 15.46
N GLY A 68 -46.77 30.67 14.57
CA GLY A 68 -46.13 31.92 14.93
C GLY A 68 -44.65 31.72 15.18
N THR A 69 -44.29 31.48 16.44
CA THR A 69 -42.89 31.42 16.83
C THR A 69 -42.55 30.14 17.62
N ASP A 70 -43.54 29.31 17.90
CA ASP A 70 -43.33 28.12 18.76
C ASP A 70 -43.81 26.86 18.05
N PHE A 71 -42.89 25.92 17.81
CA PHE A 71 -43.19 24.72 17.02
C PHE A 71 -42.62 23.46 17.66
N SER A 72 -43.19 22.32 17.30
CA SER A 72 -42.66 21.06 17.81
C SER A 72 -42.86 19.91 16.83
N LEU A 73 -41.94 18.95 16.89
CA LEU A 73 -42.07 17.70 16.17
C LEU A 73 -42.24 16.62 17.21
N THR A 74 -43.24 15.76 17.04
CA THR A 74 -43.44 14.68 17.99
C THR A 74 -43.34 13.34 17.31
N ILE A 75 -42.66 12.39 17.96
CA ILE A 75 -42.68 10.99 17.57
C ILE A 75 -43.49 10.23 18.61
N SER A 76 -44.62 9.66 18.22
CA SER A 76 -45.59 9.14 19.19
C SER A 76 -45.13 7.86 19.88
N LYS A 77 -44.32 7.07 19.18
CA LYS A 77 -43.72 5.88 19.74
C LYS A 77 -42.34 5.70 19.10
N LEU A 78 -41.28 5.95 19.88
CA LEU A 78 -39.93 5.98 19.33
C LEU A 78 -39.49 4.61 18.84
N GLU A 79 -38.95 4.59 17.62
CA GLU A 79 -38.41 3.37 17.08
C GLU A 79 -36.91 3.53 16.84
N GLN A 80 -36.20 2.41 16.76
CA GLN A 80 -34.76 2.43 16.58
C GLN A 80 -34.33 3.26 15.37
N GLU A 81 -35.07 3.16 14.28
CA GLU A 81 -34.71 3.85 13.04
C GLU A 81 -34.89 5.37 13.14
N ASP A 82 -35.51 5.83 14.23
CA ASP A 82 -35.74 7.26 14.44
C ASP A 82 -34.54 7.90 15.12
N ILE A 83 -33.62 7.08 15.59
CA ILE A 83 -32.39 7.63 16.16
C ILE A 83 -31.60 8.34 15.05
N ALA A 84 -31.56 9.66 15.16
CA ALA A 84 -31.06 10.51 14.09
C ALA A 84 -31.00 11.93 14.63
N THR A 85 -30.68 12.87 13.73
CA THR A 85 -30.69 14.29 14.07
C THR A 85 -31.79 15.01 13.31
N TYR A 86 -32.55 15.84 14.02
CA TYR A 86 -33.71 16.53 13.46
C TYR A 86 -33.51 18.04 13.37
N PHE A 87 -33.79 18.60 12.20
CA PHE A 87 -33.63 20.03 11.94
C PHE A 87 -34.95 20.67 11.57
N CYS A 88 -35.26 21.79 12.19
CA CYS A 88 -36.39 22.59 11.73
C CYS A 88 -35.88 23.66 10.75
N GLN A 89 -36.79 24.19 9.95
CA GLN A 89 -36.40 25.15 8.91
C GLN A 89 -37.57 26.05 8.57
N GLN A 90 -37.34 27.37 8.61
CA GLN A 90 -38.40 28.32 8.25
C GLN A 90 -38.34 28.69 6.76
N GLY A 91 -39.51 28.91 6.17
CA GLY A 91 -39.60 29.31 4.79
C GLY A 91 -40.48 30.54 4.62
N ASN A 92 -40.60 31.33 5.68
CA ASN A 92 -41.41 32.55 5.63
C ASN A 92 -40.71 33.68 4.93
N THR A 93 -39.41 33.84 5.20
CA THR A 93 -38.65 34.96 4.63
C THR A 93 -37.24 34.54 4.25
N LEU A 94 -36.74 35.11 3.16
CA LEU A 94 -35.36 34.89 2.76
C LEU A 94 -34.44 35.71 3.65
N PRO A 95 -33.26 35.18 3.98
CA PRO A 95 -32.78 33.85 3.58
C PRO A 95 -33.39 32.73 4.40
N LEU A 96 -33.59 31.57 3.79
CA LEU A 96 -34.08 30.41 4.49
C LEU A 96 -33.09 30.03 5.57
N THR A 97 -33.59 29.65 6.74
CA THR A 97 -32.73 29.34 7.88
C THR A 97 -33.20 28.11 8.62
N PHE A 98 -32.23 27.40 9.21
CA PHE A 98 -32.44 26.13 9.90
C PHE A 98 -32.11 26.26 11.37
N GLY A 99 -32.74 25.43 12.19
CA GLY A 99 -32.31 25.27 13.57
C GLY A 99 -30.97 24.53 13.57
N ALA A 100 -30.33 24.44 14.74
CA ALA A 100 -29.00 23.81 14.80
C ALA A 100 -29.06 22.29 14.97
N GLY A 101 -30.26 21.74 15.11
CA GLY A 101 -30.41 20.30 15.14
C GLY A 101 -30.57 19.74 16.53
N THR A 102 -31.33 18.66 16.61
CA THR A 102 -31.52 17.95 17.87
C THR A 102 -31.27 16.49 17.60
N LYS A 103 -30.29 15.93 18.30
CA LYS A 103 -29.88 14.56 18.10
C LYS A 103 -30.58 13.67 19.12
N LEU A 104 -31.20 12.58 18.67
CA LEU A 104 -31.84 11.66 19.61
C LEU A 104 -30.90 10.54 19.99
N GLU A 105 -30.91 10.18 21.27
CA GLU A 105 -30.17 9.02 21.72
C GLU A 105 -31.01 8.17 22.66
N LEU A 106 -30.56 6.94 22.92
CA LEU A 106 -31.33 6.00 23.72
C LEU A 106 -30.83 5.93 25.15
N LYS A 107 -31.75 5.77 26.09
CA LYS A 107 -31.38 5.53 27.48
C LYS A 107 -31.09 4.06 27.68
N ARG A 108 -30.22 3.75 28.65
CA ARG A 108 -29.96 2.39 29.08
C ARG A 108 -29.35 2.41 30.48
N ALA A 109 -29.14 1.24 31.06
CA ALA A 109 -28.54 1.14 32.39
C ALA A 109 -27.08 1.59 32.33
N GLU A 110 -26.58 2.13 33.43
CA GLU A 110 -25.18 2.52 33.47
C GLU A 110 -24.26 1.33 33.34
N ALA A 111 -23.13 1.54 32.70
CA ALA A 111 -22.15 0.49 32.48
C ALA A 111 -20.76 1.03 32.64
N ALA A 112 -19.93 0.33 33.40
CA ALA A 112 -18.51 0.65 33.50
C ALA A 112 -17.77 0.38 32.20
N PRO A 113 -16.78 1.21 31.90
CA PRO A 113 -15.93 0.98 30.74
C PRO A 113 -15.01 -0.22 30.94
N THR A 114 -14.78 -0.93 29.84
CA THR A 114 -13.76 -1.95 29.78
C THR A 114 -12.53 -1.26 29.22
N VAL A 115 -11.43 -1.29 29.98
CA VAL A 115 -10.24 -0.52 29.62
C VAL A 115 -9.11 -1.41 29.18
N SER A 116 -8.47 -1.05 28.07
CA SER A 116 -7.33 -1.82 27.58
C SER A 116 -6.24 -0.88 27.13
N ILE A 117 -4.99 -1.19 27.49
CA ILE A 117 -3.87 -0.35 27.10
C ILE A 117 -2.95 -1.09 26.14
N PHE A 118 -2.39 -0.34 25.19
CA PHE A 118 -1.56 -0.92 24.15
C PHE A 118 -0.30 -0.12 23.97
N PRO A 119 0.86 -0.74 24.23
CA PRO A 119 2.13 -0.09 23.95
C PRO A 119 2.29 0.15 22.45
N PRO A 120 3.25 1.02 22.07
CA PRO A 120 3.58 1.14 20.64
C PRO A 120 3.85 -0.22 20.04
N SER A 121 3.36 -0.42 18.83
CA SER A 121 3.72 -1.62 18.09
C SER A 121 5.20 -1.59 17.75
N SER A 122 5.81 -2.76 17.63
CA SER A 122 7.20 -2.82 17.23
C SER A 122 7.38 -2.18 15.84
N GLU A 123 6.36 -2.29 14.99
CA GLU A 123 6.42 -1.66 13.68
C GLU A 123 6.45 -0.14 13.77
N GLN A 124 5.70 0.43 14.70
CA GLN A 124 5.73 1.88 14.82
C GLN A 124 7.07 2.31 15.39
N LEU A 125 7.58 1.55 16.34
CA LEU A 125 8.88 1.89 16.94
C LEU A 125 9.99 1.85 15.90
N THR A 126 9.97 0.89 14.99
CA THR A 126 11.02 0.85 13.98
C THR A 126 10.92 2.09 13.09
N SER A 127 9.70 2.58 12.89
CA SER A 127 9.46 3.69 11.97
C SER A 127 9.86 5.02 12.58
N GLY A 128 10.13 5.02 13.88
CA GLY A 128 10.60 6.21 14.56
C GLY A 128 9.57 6.96 15.40
N GLY A 129 8.38 6.41 15.56
CA GLY A 129 7.33 7.07 16.31
C GLY A 129 6.87 6.21 17.47
N ALA A 130 6.03 6.76 18.34
CA ALA A 130 5.53 5.97 19.45
C ALA A 130 4.16 6.47 19.92
N SER A 131 3.13 5.68 19.68
CA SER A 131 1.80 6.00 20.17
C SER A 131 1.34 4.97 21.18
N VAL A 132 0.80 5.44 22.30
CA VAL A 132 0.29 4.55 23.32
C VAL A 132 -1.21 4.70 23.29
N VAL A 133 -1.92 3.58 23.21
CA VAL A 133 -3.35 3.64 22.99
C VAL A 133 -4.09 3.02 24.14
N CYS A 134 -5.17 3.68 24.53
CA CYS A 134 -6.05 3.19 25.57
C CYS A 134 -7.49 3.18 25.05
N PHE A 135 -8.15 2.03 25.09
CA PHE A 135 -9.56 1.99 24.72
C PHE A 135 -10.40 1.97 25.97
N LEU A 136 -11.41 2.82 26.02
CA LEU A 136 -12.40 2.82 27.09
C LEU A 136 -13.72 2.42 26.47
N ASN A 137 -14.11 1.16 26.63
CA ASN A 137 -15.15 0.62 25.77
C ASN A 137 -16.45 0.25 26.48
N ASN A 138 -17.55 0.50 25.78
CA ASN A 138 -18.89 0.05 26.17
C ASN A 138 -19.32 0.55 27.52
N PHE A 139 -19.25 1.87 27.68
CA PHE A 139 -19.70 2.47 28.93
C PHE A 139 -20.97 3.30 28.71
N TYR A 140 -21.64 3.64 29.80
CA TYR A 140 -22.81 4.50 29.76
C TYR A 140 -22.96 5.09 31.15
N PRO A 141 -23.25 6.40 31.24
CA PRO A 141 -23.51 7.38 30.19
C PRO A 141 -22.24 7.87 29.48
N LYS A 142 -22.40 8.77 28.51
CA LYS A 142 -21.34 9.11 27.59
C LYS A 142 -20.17 9.90 28.20
N ASP A 143 -20.41 10.67 29.27
CA ASP A 143 -19.32 11.48 29.80
C ASP A 143 -18.28 10.63 30.52
N ILE A 144 -17.00 10.86 30.21
CA ILE A 144 -15.94 10.09 30.82
C ILE A 144 -14.63 10.89 30.78
N ASN A 145 -13.72 10.56 31.68
CA ASN A 145 -12.45 11.25 31.77
C ASN A 145 -11.29 10.27 31.67
N VAL A 146 -10.31 10.64 30.87
CA VAL A 146 -9.11 9.82 30.80
C VAL A 146 -7.91 10.65 31.21
N LYS A 147 -7.04 10.02 31.99
CA LYS A 147 -5.80 10.65 32.44
C LYS A 147 -4.64 9.75 32.10
N TRP A 148 -3.63 10.30 31.45
CA TRP A 148 -2.38 9.59 31.20
C TRP A 148 -1.32 9.91 32.24
N LYS A 149 -0.71 8.87 32.82
CA LYS A 149 0.53 8.98 33.59
C LYS A 149 1.76 8.58 32.80
N ILE A 150 2.82 9.39 32.88
CA ILE A 150 4.12 8.93 32.40
C ILE A 150 5.11 9.04 33.54
N ASP A 151 5.56 7.88 34.03
CA ASP A 151 6.41 7.79 35.22
C ASP A 151 5.85 8.62 36.38
N GLY A 152 4.53 8.71 36.42
CA GLY A 152 3.84 9.44 37.47
C GLY A 152 3.28 10.78 37.03
N SER A 153 3.96 11.44 36.09
CA SER A 153 3.55 12.78 35.68
C SER A 153 2.40 12.76 34.68
N GLU A 154 1.35 13.49 34.99
CA GLU A 154 0.19 13.58 34.11
C GLU A 154 0.58 14.20 32.77
N ARG A 155 0.26 13.51 31.69
CA ARG A 155 0.55 14.04 30.37
C ARG A 155 -0.76 14.36 29.67
N GLN A 156 -0.91 15.60 29.24
CA GLN A 156 -2.08 15.98 28.45
C GLN A 156 -1.67 16.43 27.06
N ASN A 157 -0.41 16.85 26.91
CA ASN A 157 0.07 17.20 25.59
C ASN A 157 0.39 15.93 24.81
N GLY A 158 -0.06 15.90 23.56
CA GLY A 158 0.12 14.73 22.71
C GLY A 158 -1.03 13.74 22.88
N VAL A 159 -1.99 14.07 23.74
CA VAL A 159 -3.15 13.20 23.94
C VAL A 159 -4.32 13.62 23.07
N LEU A 160 -4.85 12.67 22.30
CA LEU A 160 -6.01 12.92 21.46
C LEU A 160 -7.11 11.89 21.74
N ASN A 161 -8.32 12.38 21.97
CA ASN A 161 -9.43 11.52 22.34
C ASN A 161 -10.53 11.54 21.31
N SER A 162 -11.05 10.37 21.01
CA SER A 162 -12.14 10.27 20.04
C SER A 162 -13.26 9.40 20.60
N TRP A 163 -14.48 9.91 20.53
CA TRP A 163 -15.68 9.19 20.95
C TRP A 163 -16.47 8.59 19.81
N THR A 164 -16.96 7.36 19.99
CA THR A 164 -17.91 6.80 19.03
C THR A 164 -19.29 7.43 19.26
N ASP A 165 -20.13 7.40 18.22
CA ASP A 165 -21.56 7.65 18.43
C ASP A 165 -22.13 6.47 19.19
N GLN A 166 -23.36 6.63 19.67
CA GLN A 166 -23.98 5.59 20.47
C GLN A 166 -24.02 4.29 19.71
N ASP A 167 -23.63 3.19 20.37
CA ASP A 167 -23.63 1.89 19.72
C ASP A 167 -25.05 1.48 19.33
N SER A 168 -25.23 1.11 18.06
CA SER A 168 -26.55 0.75 17.58
C SER A 168 -27.07 -0.55 18.19
N LYS A 169 -26.18 -1.37 18.75
CA LYS A 169 -26.59 -2.66 19.32
C LYS A 169 -26.82 -2.65 20.83
N ASP A 170 -25.93 -2.05 21.61
CA ASP A 170 -26.10 -2.10 23.08
C ASP A 170 -26.23 -0.71 23.73
N SER A 171 -26.30 0.32 22.89
CA SER A 171 -26.58 1.70 23.33
C SER A 171 -25.49 2.29 24.21
N THR A 172 -24.32 1.67 24.21
CA THR A 172 -23.21 2.19 24.97
C THR A 172 -22.37 3.14 24.14
N TYR A 173 -21.38 3.75 24.80
CA TYR A 173 -20.41 4.61 24.16
C TYR A 173 -19.03 4.01 24.35
N SER A 174 -18.10 4.38 23.48
CA SER A 174 -16.70 4.03 23.65
C SER A 174 -15.82 5.23 23.33
N MET A 175 -14.61 5.23 23.84
CA MET A 175 -13.69 6.31 23.59
C MET A 175 -12.29 5.73 23.43
N SER A 176 -11.53 6.29 22.49
CA SER A 176 -10.14 5.94 22.34
C SER A 176 -9.29 7.12 22.73
N SER A 177 -8.25 6.86 23.50
CA SER A 177 -7.30 7.90 23.86
C SER A 177 -5.90 7.51 23.40
N THR A 178 -5.27 8.39 22.62
CA THR A 178 -3.96 8.09 22.09
C THR A 178 -2.95 9.12 22.55
N LEU A 179 -1.92 8.64 23.22
CA LEU A 179 -0.78 9.45 23.62
C LEU A 179 0.33 9.35 22.57
N THR A 180 0.58 10.42 21.84
CA THR A 180 1.66 10.40 20.84
C THR A 180 2.94 11.07 21.36
N LEU A 181 4.02 10.31 21.27
CA LEU A 181 5.35 10.71 21.71
C LEU A 181 6.36 10.49 20.59
N THR A 182 7.46 11.23 20.60
CA THR A 182 8.57 10.85 19.75
C THR A 182 9.13 9.55 20.32
N LYS A 183 9.79 8.77 19.49
CA LYS A 183 10.33 7.50 19.96
C LYS A 183 11.38 7.75 21.05
N ASP A 184 12.17 8.79 20.86
CA ASP A 184 13.18 9.14 21.84
C ASP A 184 12.54 9.41 23.20
N GLU A 185 11.42 10.11 23.21
CA GLU A 185 10.78 10.42 24.48
C GLU A 185 10.22 9.16 25.14
N TYR A 186 9.61 8.31 24.33
CA TYR A 186 9.03 7.07 24.83
C TYR A 186 10.08 6.16 25.48
N GLU A 187 11.28 6.16 24.94
CA GLU A 187 12.34 5.27 25.44
C GLU A 187 13.09 5.89 26.61
N ARG A 188 12.73 7.11 26.98
CA ARG A 188 13.39 7.79 28.10
C ARG A 188 12.53 7.71 29.36
N HIS A 189 11.36 7.09 29.24
CA HIS A 189 10.49 6.88 30.39
C HIS A 189 10.11 5.42 30.50
N ASN A 190 9.55 5.02 31.62
CA ASN A 190 9.38 3.61 31.90
C ASN A 190 7.93 3.18 32.08
N SER A 191 7.19 3.94 32.89
CA SER A 191 5.86 3.54 33.32
C SER A 191 4.76 4.33 32.62
N TYR A 192 3.92 3.60 31.89
CA TYR A 192 2.82 4.20 31.16
C TYR A 192 1.48 3.71 31.68
N THR A 193 0.63 4.67 32.03
CA THR A 193 -0.65 4.38 32.67
C THR A 193 -1.76 5.23 32.10
N CYS A 194 -2.90 4.60 31.86
CA CYS A 194 -4.10 5.28 31.42
CA CYS A 194 -4.08 5.37 31.48
C CYS A 194 -5.17 5.10 32.50
N GLU A 195 -5.80 6.18 32.96
CA GLU A 195 -6.83 6.09 33.99
C GLU A 195 -8.19 6.56 33.53
N ALA A 196 -9.19 5.71 33.76
CA ALA A 196 -10.57 5.98 33.38
C ALA A 196 -11.40 6.36 34.58
N THR A 197 -11.96 7.58 34.55
CA THR A 197 -12.88 8.05 35.59
C THR A 197 -14.29 8.20 35.02
N HIS A 198 -15.24 7.51 35.66
CA HIS A 198 -16.58 7.42 35.12
C HIS A 198 -17.54 7.37 36.30
N LYS A 199 -18.77 7.78 36.10
CA LYS A 199 -19.70 7.89 37.22
C LYS A 199 -19.94 6.54 37.93
N THR A 200 -19.66 5.44 37.22
CA THR A 200 -19.89 4.09 37.74
C THR A 200 -18.91 3.67 38.84
N SER A 201 -17.90 4.50 39.11
CA SER A 201 -17.02 4.23 40.25
C SER A 201 -16.31 5.48 40.75
N THR A 202 -16.13 5.57 42.06
CA THR A 202 -15.37 6.65 42.66
C THR A 202 -13.88 6.37 42.50
N SER A 203 -13.56 5.11 42.19
CA SER A 203 -12.20 4.71 41.89
C SER A 203 -11.96 4.70 40.38
N PRO A 204 -10.83 5.28 39.95
CA PRO A 204 -10.45 5.17 38.54
C PRO A 204 -10.17 3.74 38.15
N ILE A 205 -10.50 3.37 36.91
CA ILE A 205 -10.06 2.10 36.38
C ILE A 205 -8.68 2.34 35.77
N VAL A 206 -7.70 1.58 36.24
CA VAL A 206 -6.31 1.83 35.90
C VAL A 206 -5.71 0.69 35.12
N LYS A 207 -5.19 0.98 33.94
CA LYS A 207 -4.39 0.00 33.21
C LYS A 207 -3.00 0.53 32.98
N SER A 208 -2.02 -0.37 33.05
CA SER A 208 -0.63 0.05 33.05
C SER A 208 0.27 -1.00 32.45
N PHE A 209 1.42 -0.55 31.95
CA PHE A 209 2.48 -1.46 31.58
C PHE A 209 3.82 -0.77 31.81
N ASN A 210 4.87 -1.55 31.95
CA ASN A 210 6.22 -1.00 31.91
C ASN A 210 6.84 -1.28 30.55
N ARG A 211 7.06 -0.21 29.79
CA ARG A 211 7.53 -0.22 28.40
C ARG A 211 7.94 -1.57 27.80
N ASN A 212 8.78 -2.31 28.51
CA ASN A 212 9.32 -3.57 28.00
C ASN A 212 9.62 -4.69 29.00
N GLU A 213 8.70 -4.98 29.93
CA GLU A 213 8.95 -6.03 30.92
C GLU A 213 8.89 -7.41 30.25
N GLU B 1 -39.55 8.54 -6.90
CA GLU B 1 -38.40 8.16 -7.71
C GLU B 1 -37.60 9.39 -8.16
N VAL B 2 -38.01 10.57 -7.68
CA VAL B 2 -37.18 11.77 -7.82
C VAL B 2 -35.77 11.46 -7.34
N GLN B 3 -34.78 11.74 -8.17
CA GLN B 3 -33.39 11.51 -7.80
C GLN B 3 -32.50 12.73 -8.11
N LEU B 4 -31.63 13.06 -7.17
CA LEU B 4 -30.64 14.11 -7.34
C LEU B 4 -29.26 13.49 -7.18
N GLN B 5 -28.53 13.38 -8.29
CA GLN B 5 -27.20 12.78 -8.26
C GLN B 5 -26.09 13.83 -8.24
N GLN B 6 -25.34 13.89 -7.16
CA GLN B 6 -24.26 14.87 -7.03
C GLN B 6 -22.90 14.29 -7.38
N SER B 7 -21.98 15.16 -7.77
CA SER B 7 -20.63 14.71 -8.10
C SER B 7 -19.89 14.27 -6.83
N GLY B 8 -18.71 13.68 -7.00
CA GLY B 8 -18.02 13.04 -5.88
C GLY B 8 -17.23 14.00 -5.04
N PRO B 9 -16.50 13.48 -4.03
CA PRO B 9 -15.76 14.29 -3.07
C PRO B 9 -14.60 15.02 -3.72
N GLU B 10 -14.28 16.17 -3.13
CA GLU B 10 -13.20 17.03 -3.63
C GLU B 10 -12.25 17.45 -2.51
N LEU B 11 -10.96 17.44 -2.83
CA LEU B 11 -9.90 18.01 -1.99
C LEU B 11 -9.22 19.10 -2.80
N VAL B 12 -9.23 20.32 -2.27
CA VAL B 12 -8.60 21.42 -2.95
C VAL B 12 -7.77 22.23 -1.99
N LYS B 13 -6.82 22.99 -2.53
CA LYS B 13 -5.95 23.84 -1.76
C LYS B 13 -6.64 25.15 -1.38
N PRO B 14 -6.22 25.74 -0.26
CA PRO B 14 -6.74 27.06 0.09
C PRO B 14 -6.53 28.07 -1.01
N GLY B 15 -7.54 28.89 -1.25
CA GLY B 15 -7.47 29.92 -2.27
C GLY B 15 -7.98 29.45 -3.62
N ALA B 16 -8.16 28.14 -3.78
CA ALA B 16 -8.67 27.64 -5.05
C ALA B 16 -10.20 27.73 -5.17
N SER B 17 -10.71 27.22 -6.29
CA SER B 17 -12.15 27.16 -6.53
C SER B 17 -12.50 25.71 -6.83
N VAL B 18 -13.78 25.41 -6.71
CA VAL B 18 -14.28 24.07 -7.02
C VAL B 18 -15.67 24.21 -7.64
N LYS B 19 -16.02 23.32 -8.56
CA LYS B 19 -17.35 23.37 -9.15
C LYS B 19 -17.97 22.02 -8.95
N ILE B 20 -19.14 21.99 -8.32
CA ILE B 20 -19.79 20.71 -8.09
C ILE B 20 -21.13 20.65 -8.83
N SER B 21 -21.58 19.44 -9.11
CA SER B 21 -22.77 19.28 -9.95
C SER B 21 -23.88 18.50 -9.25
N CYS B 22 -25.09 18.72 -9.74
CA CYS B 22 -26.27 18.01 -9.29
C CYS B 22 -27.17 17.75 -10.48
N LYS B 23 -27.27 16.48 -10.89
CA LYS B 23 -28.13 16.11 -12.02
C LYS B 23 -29.46 15.55 -11.52
N ALA B 24 -30.53 16.18 -11.96
CA ALA B 24 -31.88 15.84 -11.53
C ALA B 24 -32.51 14.89 -12.52
N SER B 25 -33.46 14.09 -12.03
CA SER B 25 -34.19 13.15 -12.87
C SER B 25 -35.47 12.75 -12.17
N GLY B 26 -36.43 12.23 -12.93
CA GLY B 26 -37.67 11.77 -12.35
C GLY B 26 -38.73 12.84 -12.22
N TYR B 27 -38.47 14.02 -12.78
CA TYR B 27 -39.45 15.08 -12.77
C TYR B 27 -39.10 16.12 -13.82
N THR B 28 -40.04 17.02 -14.12
CA THR B 28 -39.76 18.13 -15.01
C THR B 28 -38.83 19.15 -14.33
N PHE B 29 -37.57 19.13 -14.74
CA PHE B 29 -36.52 19.93 -14.10
C PHE B 29 -36.82 21.41 -13.99
N THR B 30 -37.46 21.98 -15.00
CA THR B 30 -37.72 23.41 -15.05
C THR B 30 -38.95 23.86 -14.25
N ASP B 31 -39.64 22.93 -13.61
CA ASP B 31 -40.81 23.28 -12.82
C ASP B 31 -40.44 23.60 -11.38
N TYR B 32 -39.22 23.24 -11.00
CA TYR B 32 -38.76 23.44 -9.63
C TYR B 32 -37.49 24.28 -9.60
N TYR B 33 -37.29 24.98 -8.50
CA TYR B 33 -35.99 25.57 -8.23
C TYR B 33 -34.99 24.49 -7.87
N MET B 34 -33.70 24.76 -8.08
CA MET B 34 -32.70 23.91 -7.45
C MET B 34 -32.03 24.76 -6.38
N ASN B 35 -31.81 24.16 -5.22
CA ASN B 35 -31.13 24.83 -4.09
C ASN B 35 -29.83 24.16 -3.71
N TRP B 36 -28.95 24.91 -3.05
CA TRP B 36 -27.80 24.30 -2.40
C TRP B 36 -27.76 24.64 -0.93
N VAL B 37 -27.33 23.68 -0.13
CA VAL B 37 -27.33 23.78 1.32
C VAL B 37 -25.98 23.30 1.84
N LYS B 38 -25.41 24.00 2.82
CA LYS B 38 -24.14 23.63 3.41
C LYS B 38 -24.34 22.99 4.78
N LEU B 39 -23.69 21.86 5.01
CA LEU B 39 -23.68 21.23 6.31
C LEU B 39 -22.28 21.24 6.85
N SER B 40 -22.08 22.03 7.89
CA SER B 40 -20.81 22.03 8.58
C SER B 40 -21.13 21.73 10.04
N HIS B 41 -20.16 21.21 10.77
CA HIS B 41 -20.44 20.88 12.16
C HIS B 41 -19.82 21.93 13.06
N GLY B 42 -19.95 23.17 12.61
CA GLY B 42 -19.64 24.36 13.39
C GLY B 42 -20.74 25.38 13.15
N LYS B 43 -21.50 25.18 12.07
CA LYS B 43 -22.60 26.08 11.73
C LYS B 43 -23.84 25.31 11.23
N SER B 44 -23.85 24.01 11.44
CA SER B 44 -24.97 23.12 11.09
C SER B 44 -25.44 23.30 9.63
N LEU B 45 -26.74 23.51 9.41
CA LEU B 45 -27.28 23.62 8.05
C LEU B 45 -27.52 25.08 7.66
N GLU B 46 -27.04 25.47 6.47
CA GLU B 46 -27.22 26.83 5.95
C GLU B 46 -27.68 26.78 4.52
N TRP B 47 -28.65 27.62 4.18
CA TRP B 47 -29.10 27.72 2.81
C TRP B 47 -28.19 28.66 2.03
N ILE B 48 -27.67 28.20 0.89
CA ILE B 48 -26.74 29.02 0.11
C ILE B 48 -27.46 29.88 -0.90
N GLY B 49 -28.37 29.27 -1.66
CA GLY B 49 -29.07 29.99 -2.68
C GLY B 49 -29.93 29.08 -3.56
N ASP B 50 -30.66 29.69 -4.47
CA ASP B 50 -31.49 28.92 -5.39
C ASP B 50 -31.34 29.44 -6.81
N ILE B 51 -31.80 28.64 -7.76
CA ILE B 51 -31.67 28.99 -9.16
C ILE B 51 -32.87 28.50 -9.95
N VAL B 52 -33.38 29.38 -10.80
CA VAL B 52 -34.47 29.06 -11.71
C VAL B 52 -33.90 28.42 -12.97
N PRO B 53 -34.19 27.14 -13.19
CA PRO B 53 -33.55 26.46 -14.33
C PRO B 53 -33.93 27.01 -15.71
N ASN B 54 -35.15 27.55 -15.90
CA ASN B 54 -35.50 28.06 -17.23
C ASN B 54 -34.68 29.23 -17.72
N ASN B 55 -34.43 30.21 -16.84
CA ASN B 55 -33.70 31.41 -17.22
C ASN B 55 -32.39 31.67 -16.47
N GLY B 56 -32.11 30.83 -15.49
CA GLY B 56 -30.88 30.96 -14.72
C GLY B 56 -30.87 32.06 -13.67
N ASP B 57 -32.02 32.66 -13.40
CA ASP B 57 -32.14 33.65 -12.33
C ASP B 57 -31.73 33.04 -11.00
N THR B 58 -30.95 33.77 -10.23
CA THR B 58 -30.44 33.24 -8.97
C THR B 58 -30.85 34.12 -7.80
N THR B 59 -30.98 33.51 -6.64
CA THR B 59 -31.19 34.23 -5.41
C THR B 59 -30.22 33.67 -4.38
N TYR B 60 -29.43 34.55 -3.77
CA TYR B 60 -28.43 34.09 -2.80
C TYR B 60 -28.72 34.51 -1.39
N ASN B 61 -28.39 33.63 -0.46
CA ASN B 61 -28.18 34.03 0.92
C ASN B 61 -27.02 35.03 0.90
N GLN B 62 -27.22 36.22 1.48
CA GLN B 62 -26.18 37.26 1.42
C GLN B 62 -24.85 36.80 2.01
N ASN B 63 -24.92 35.87 2.97
CA ASN B 63 -23.74 35.28 3.57
C ASN B 63 -22.88 34.51 2.57
N PHE B 64 -23.48 34.14 1.44
CA PHE B 64 -22.74 33.36 0.44
C PHE B 64 -22.54 34.13 -0.87
N ARG B 65 -22.94 35.39 -0.88
CA ARG B 65 -22.64 36.26 -2.01
C ARG B 65 -21.14 36.38 -2.19
N GLY B 66 -20.66 36.14 -3.40
CA GLY B 66 -19.24 36.12 -3.64
C GLY B 66 -18.63 34.74 -3.45
N LYS B 67 -19.09 33.98 -2.47
CA LYS B 67 -18.53 32.66 -2.21
C LYS B 67 -19.02 31.64 -3.23
N ALA B 68 -20.33 31.66 -3.47
CA ALA B 68 -20.96 30.67 -4.33
C ALA B 68 -21.53 31.28 -5.60
N THR B 69 -21.38 30.57 -6.73
CA THR B 69 -22.05 30.97 -7.95
C THR B 69 -22.87 29.79 -8.47
N LEU B 70 -24.18 29.98 -8.64
CA LEU B 70 -25.07 28.95 -9.14
C LEU B 70 -25.32 29.11 -10.63
N THR B 71 -25.22 28.00 -11.35
CA THR B 71 -25.52 28.01 -12.78
C THR B 71 -26.31 26.76 -13.09
N VAL B 72 -26.94 26.72 -14.27
CA VAL B 72 -27.65 25.53 -14.70
C VAL B 72 -27.41 25.22 -16.17
N ASP B 73 -27.49 23.93 -16.49
CA ASP B 73 -27.55 23.44 -17.85
C ASP B 73 -28.88 22.71 -18.00
N LYS B 74 -29.91 23.44 -18.44
CA LYS B 74 -31.27 22.90 -18.35
C LYS B 74 -31.47 21.76 -19.32
N SER B 75 -30.65 21.72 -20.37
CA SER B 75 -30.72 20.65 -21.36
C SER B 75 -30.35 19.30 -20.77
N SER B 76 -29.47 19.31 -19.76
CA SER B 76 -29.03 18.07 -19.13
C SER B 76 -29.58 17.92 -17.72
N SER B 77 -30.50 18.81 -17.35
CA SER B 77 -31.09 18.83 -16.00
C SER B 77 -30.03 18.84 -14.91
N THR B 78 -28.96 19.59 -15.15
CA THR B 78 -27.85 19.64 -14.22
C THR B 78 -27.68 21.04 -13.64
N ALA B 79 -27.60 21.12 -12.32
CA ALA B 79 -27.32 22.38 -11.63
C ALA B 79 -25.87 22.37 -11.18
N TYR B 80 -25.21 23.52 -11.30
CA TYR B 80 -23.83 23.63 -10.85
C TYR B 80 -23.67 24.68 -9.75
N MET B 81 -22.77 24.42 -8.82
CA MET B 81 -22.33 25.43 -7.84
C MET B 81 -20.82 25.56 -7.81
N GLU B 82 -20.34 26.76 -8.12
CA GLU B 82 -18.92 27.05 -8.01
C GLU B 82 -18.63 27.78 -6.70
N LEU B 83 -17.70 27.24 -5.92
CA LEU B 83 -17.28 27.88 -4.67
C LEU B 83 -15.88 28.43 -4.86
N ARG B 84 -15.68 29.71 -4.57
CA ARG B 84 -14.39 30.35 -4.85
C ARG B 84 -13.68 30.78 -3.58
N SER B 85 -12.43 31.22 -3.75
CA SER B 85 -11.61 31.77 -2.67
C SER B 85 -11.64 30.89 -1.42
N LEU B 86 -11.36 29.62 -1.62
CA LEU B 86 -11.68 28.65 -0.60
C LEU B 86 -10.77 28.74 0.61
N THR B 87 -11.38 28.52 1.79
CA THR B 87 -10.67 28.43 3.06
C THR B 87 -11.10 27.16 3.79
N SER B 88 -10.46 26.87 4.91
CA SER B 88 -10.85 25.70 5.70
C SER B 88 -12.29 25.82 6.21
N GLU B 89 -12.79 27.05 6.31
CA GLU B 89 -14.16 27.25 6.75
C GLU B 89 -15.16 26.71 5.72
N ASP B 90 -14.69 26.46 4.50
CA ASP B 90 -15.57 25.97 3.45
C ASP B 90 -15.61 24.44 3.40
N SER B 91 -14.71 23.80 4.14
CA SER B 91 -14.76 22.33 4.31
C SER B 91 -16.09 21.93 4.94
N ALA B 92 -16.86 21.10 4.23
CA ALA B 92 -18.25 20.83 4.58
C ALA B 92 -18.85 19.81 3.62
N VAL B 93 -20.09 19.38 3.91
CA VAL B 93 -20.87 18.63 2.96
C VAL B 93 -21.88 19.58 2.33
N TYR B 94 -21.90 19.61 1.00
CA TYR B 94 -22.83 20.44 0.27
C TYR B 94 -23.92 19.59 -0.37
N TYR B 95 -25.16 20.02 -0.19
CA TYR B 95 -26.33 19.31 -0.71
C TYR B 95 -27.02 20.12 -1.76
N CYS B 96 -27.55 19.46 -2.79
CA CYS B 96 -28.54 20.12 -3.62
C CYS B 96 -29.92 19.67 -3.16
N ALA B 97 -30.91 20.54 -3.29
CA ALA B 97 -32.27 20.22 -2.86
C ALA B 97 -33.26 21.02 -3.67
N ARG B 98 -34.35 20.40 -4.10
CA ARG B 98 -35.32 21.17 -4.87
C ARG B 98 -36.44 21.70 -3.99
N PHE B 99 -37.00 22.84 -4.37
CA PHE B 99 -38.32 23.21 -3.91
C PHE B 99 -39.14 23.84 -5.05
N SER B 100 -40.45 23.98 -4.89
CA SER B 100 -41.22 24.58 -5.97
C SER B 100 -41.24 26.09 -5.81
N ASN B 101 -41.02 26.54 -4.58
CA ASN B 101 -40.83 27.95 -4.25
C ASN B 101 -40.27 28.01 -2.83
N TYR B 102 -39.76 29.16 -2.41
CA TYR B 102 -39.04 29.20 -1.15
C TYR B 102 -39.95 29.04 0.07
N VAL B 103 -41.26 29.19 -0.10
CA VAL B 103 -42.20 28.96 1.02
C VAL B 103 -42.52 27.49 1.21
N TYR B 104 -42.01 26.66 0.32
CA TYR B 104 -42.28 25.23 0.30
C TYR B 104 -41.03 24.44 0.71
N PRO B 105 -41.23 23.20 1.17
CA PRO B 105 -40.06 22.49 1.72
C PRO B 105 -39.09 21.94 0.67
N PHE B 106 -37.87 21.68 1.13
CA PHE B 106 -36.89 20.95 0.36
C PHE B 106 -37.32 19.49 0.36
N ASP B 107 -38.12 19.05 -0.61
CA ASP B 107 -38.74 17.74 -0.48
C ASP B 107 -37.83 16.61 -0.96
N TYR B 108 -36.83 16.93 -1.78
CA TYR B 108 -35.84 15.94 -2.18
C TYR B 108 -34.43 16.51 -2.15
N TRP B 109 -33.52 15.71 -1.62
CA TRP B 109 -32.12 16.10 -1.44
C TRP B 109 -31.18 15.20 -2.20
N GLY B 110 -30.07 15.74 -2.67
CA GLY B 110 -29.01 14.91 -3.20
C GLY B 110 -28.32 14.19 -2.06
N GLN B 111 -27.38 13.31 -2.40
CA GLN B 111 -26.70 12.53 -1.38
C GLN B 111 -25.58 13.32 -0.67
N GLY B 112 -25.25 14.49 -1.19
CA GLY B 112 -24.23 15.33 -0.58
C GLY B 112 -22.86 15.15 -1.22
N THR B 113 -22.10 16.24 -1.29
CA THR B 113 -20.76 16.20 -1.86
C THR B 113 -19.81 16.73 -0.80
N THR B 114 -18.80 15.95 -0.43
CA THR B 114 -17.89 16.39 0.63
C THR B 114 -16.69 17.17 0.08
N LEU B 115 -16.49 18.38 0.57
CA LEU B 115 -15.37 19.21 0.18
C LEU B 115 -14.34 19.34 1.30
N THR B 116 -13.10 19.04 0.98
CA THR B 116 -12.00 19.27 1.92
C THR B 116 -11.08 20.35 1.39
N VAL B 117 -10.91 21.42 2.17
CA VAL B 117 -9.99 22.49 1.80
C VAL B 117 -8.79 22.48 2.72
N SER B 118 -7.62 22.17 2.17
CA SER B 118 -6.44 21.99 3.02
C SER B 118 -5.16 22.04 2.20
N SER B 119 -4.05 22.34 2.86
CA SER B 119 -2.75 22.33 2.20
C SER B 119 -2.05 21.00 2.32
N ALA B 120 -2.59 20.11 3.13
CA ALA B 120 -2.01 18.80 3.34
C ALA B 120 -2.00 18.00 2.07
N LYS B 121 -1.00 17.14 1.93
CA LYS B 121 -0.86 16.32 0.75
C LYS B 121 -1.51 14.96 0.96
N THR B 122 -2.07 14.41 -0.11
CA THR B 122 -2.62 13.06 -0.08
C THR B 122 -1.52 12.09 0.34
N THR B 123 -1.82 11.31 1.37
CA THR B 123 -0.82 10.49 2.04
C THR B 123 -1.48 9.18 2.49
N ALA B 124 -0.85 8.03 2.19
CA ALA B 124 -1.41 6.75 2.61
C ALA B 124 -1.13 6.51 4.08
N PRO B 125 -2.01 5.77 4.77
CA PRO B 125 -1.81 5.57 6.20
C PRO B 125 -0.72 4.55 6.54
N SER B 126 -0.10 4.73 7.70
CA SER B 126 0.60 3.63 8.36
C SER B 126 -0.44 2.87 9.17
N VAL B 127 -0.41 1.54 9.12
CA VAL B 127 -1.39 0.75 9.87
C VAL B 127 -0.66 -0.14 10.87
N TYR B 128 -0.85 0.15 12.15
CA TYR B 128 -0.11 -0.55 13.20
C TYR B 128 -1.02 -1.50 13.97
N PRO B 129 -0.59 -2.75 14.13
CA PRO B 129 -1.42 -3.70 14.89
C PRO B 129 -1.28 -3.43 16.37
N LEU B 130 -2.36 -3.51 17.13
CA LEU B 130 -2.29 -3.33 18.57
C LEU B 130 -2.64 -4.64 19.25
N ALA B 131 -1.60 -5.39 19.60
CA ALA B 131 -1.77 -6.62 20.35
C ALA B 131 -1.72 -6.32 21.85
N PRO B 132 -2.37 -7.17 22.65
CA PRO B 132 -2.44 -6.90 24.08
C PRO B 132 -1.05 -6.92 24.72
N VAL B 133 -0.86 -6.26 25.86
CA VAL B 133 0.48 -6.23 26.43
C VAL B 133 0.86 -7.69 26.65
N CYS B 134 2.10 -8.04 26.33
CA CYS B 134 2.52 -9.45 26.38
C CYS B 134 2.33 -10.02 27.78
N GLY B 135 1.07 -10.22 28.13
CA GLY B 135 0.64 -10.56 29.48
C GLY B 135 -0.86 -10.33 29.55
N ASP B 136 -1.51 -10.45 28.40
CA ASP B 136 -2.95 -10.29 28.27
C ASP B 136 -3.47 -11.37 27.31
N THR B 137 -4.74 -11.77 27.44
CA THR B 137 -5.66 -11.21 28.42
C THR B 137 -5.61 -11.96 29.74
N THR B 138 -6.22 -11.37 30.76
CA THR B 138 -6.30 -11.98 32.08
C THR B 138 -7.73 -12.38 32.37
N GLY B 139 -8.51 -12.60 31.32
CA GLY B 139 -9.94 -12.87 31.48
C GLY B 139 -10.61 -13.60 30.32
N SER B 140 -11.94 -13.56 30.31
CA SER B 140 -12.73 -14.32 29.34
C SER B 140 -12.67 -13.72 27.94
N SER B 141 -12.54 -12.39 27.85
CA SER B 141 -12.46 -11.74 26.54
C SER B 141 -11.09 -11.07 26.34
N VAL B 142 -10.74 -10.81 25.09
CA VAL B 142 -9.49 -10.11 24.80
C VAL B 142 -9.79 -9.03 23.78
N THR B 143 -9.15 -7.87 23.95
CA THR B 143 -9.38 -6.76 23.05
C THR B 143 -8.15 -6.48 22.21
N LEU B 144 -8.36 -6.33 20.90
CA LEU B 144 -7.29 -6.05 19.96
C LEU B 144 -7.54 -4.71 19.32
N GLY B 145 -6.50 -4.12 18.75
CA GLY B 145 -6.66 -2.82 18.16
C GLY B 145 -5.95 -2.67 16.83
N CYS B 146 -6.31 -1.61 16.13
CA CYS B 146 -5.69 -1.25 14.88
C CYS B 146 -5.49 0.27 14.91
N LEU B 147 -4.26 0.75 14.69
CA LEU B 147 -4.01 2.19 14.70
C LEU B 147 -3.62 2.68 13.30
N VAL B 148 -4.47 3.55 12.76
CA VAL B 148 -4.31 4.00 11.38
C VAL B 148 -3.84 5.44 11.40
N LYS B 149 -2.55 5.64 11.13
CA LYS B 149 -1.92 6.92 11.43
C LYS B 149 -1.38 7.63 10.19
N GLY B 150 -1.63 8.93 10.09
CA GLY B 150 -0.90 9.76 9.16
C GLY B 150 -1.42 9.76 7.75
N TYR B 151 -2.74 9.68 7.58
CA TYR B 151 -3.29 9.66 6.23
C TYR B 151 -4.02 10.96 5.91
N PHE B 152 -4.23 11.18 4.62
CA PHE B 152 -4.97 12.35 4.14
C PHE B 152 -5.36 12.15 2.70
N PRO B 153 -6.58 12.56 2.33
CA PRO B 153 -7.67 13.08 3.15
C PRO B 153 -8.51 11.94 3.71
N GLU B 154 -9.56 12.31 4.44
CA GLU B 154 -10.63 11.37 4.76
C GLU B 154 -11.34 10.94 3.46
N PRO B 155 -11.95 9.74 3.43
CA PRO B 155 -12.05 8.76 4.51
C PRO B 155 -11.13 7.56 4.32
N VAL B 156 -11.10 6.70 5.33
CA VAL B 156 -10.60 5.36 5.20
C VAL B 156 -11.77 4.44 5.48
N THR B 157 -11.70 3.21 5.01
CA THR B 157 -12.64 2.21 5.48
C THR B 157 -11.87 1.18 6.28
N LEU B 158 -12.45 0.75 7.38
CA LEU B 158 -11.77 -0.23 8.21
C LEU B 158 -12.76 -1.34 8.51
N THR B 159 -12.32 -2.57 8.27
CA THR B 159 -13.07 -3.73 8.70
C THR B 159 -12.14 -4.71 9.43
N TRP B 160 -12.74 -5.70 10.08
CA TRP B 160 -11.99 -6.77 10.74
C TRP B 160 -12.33 -8.08 10.07
N ASN B 161 -11.29 -8.83 9.67
CA ASN B 161 -11.49 -10.09 8.95
C ASN B 161 -12.41 -9.88 7.75
N SER B 162 -12.11 -8.81 6.99
CA SER B 162 -12.83 -8.45 5.78
C SER B 162 -14.33 -8.23 6.04
N GLY B 163 -14.67 -7.85 7.26
CA GLY B 163 -16.05 -7.57 7.62
C GLY B 163 -16.78 -8.72 8.29
N SER B 164 -16.15 -9.89 8.33
CA SER B 164 -16.76 -11.07 8.91
C SER B 164 -16.84 -10.95 10.42
N LEU B 165 -15.94 -10.15 10.97
CA LEU B 165 -15.91 -9.88 12.40
C LEU B 165 -16.51 -8.49 12.59
N SER B 166 -17.80 -8.44 12.91
CA SER B 166 -18.48 -7.15 12.95
C SER B 166 -19.03 -6.85 14.34
N SER B 167 -19.34 -7.89 15.09
CA SER B 167 -19.75 -7.71 16.48
C SER B 167 -18.55 -7.32 17.33
N GLY B 168 -18.78 -6.55 18.38
CA GLY B 168 -17.71 -6.18 19.29
C GLY B 168 -16.67 -5.23 18.74
N VAL B 169 -17.00 -4.56 17.63
CA VAL B 169 -16.04 -3.64 17.00
C VAL B 169 -16.41 -2.21 17.34
N HIS B 170 -15.40 -1.41 17.63
CA HIS B 170 -15.55 0.04 17.77
C HIS B 170 -14.56 0.73 16.89
N THR B 171 -15.05 1.53 15.96
CA THR B 171 -14.14 2.28 15.11
C THR B 171 -14.38 3.73 15.41
N PHE B 172 -13.32 4.41 15.83
CA PHE B 172 -13.41 5.75 16.35
C PHE B 172 -13.26 6.77 15.23
N PRO B 173 -13.99 7.89 15.31
CA PRO B 173 -13.81 8.95 14.30
C PRO B 173 -12.37 9.46 14.23
N ALA B 174 -11.91 9.72 13.01
CA ALA B 174 -10.55 10.20 12.77
C ALA B 174 -10.35 11.60 13.33
N ILE B 175 -9.13 11.86 13.79
CA ILE B 175 -8.80 13.17 14.35
C ILE B 175 -7.53 13.67 13.66
N LEU B 176 -7.40 14.99 13.52
CA LEU B 176 -6.24 15.57 12.87
C LEU B 176 -5.06 15.69 13.83
N GLN B 177 -3.88 15.23 13.42
CA GLN B 177 -2.67 15.43 14.23
C GLN B 177 -1.43 15.54 13.36
N SER B 178 -0.66 16.62 13.58
CA SER B 178 0.37 17.08 12.65
C SER B 178 -0.28 17.32 11.29
N ASP B 179 -1.51 17.82 11.35
CA ASP B 179 -2.52 17.80 10.30
C ASP B 179 -2.25 16.68 9.29
N LEU B 180 -2.30 15.47 9.81
CA LEU B 180 -2.64 14.29 9.05
C LEU B 180 -3.73 13.62 9.90
N TYR B 181 -4.54 12.74 9.34
CA TYR B 181 -5.56 12.08 10.14
C TYR B 181 -5.01 10.85 10.83
N THR B 182 -5.57 10.56 11.98
CA THR B 182 -5.32 9.32 12.70
C THR B 182 -6.64 8.76 13.18
N LEU B 183 -6.81 7.46 13.05
CA LEU B 183 -8.02 6.77 13.43
C LEU B 183 -7.62 5.47 14.11
N SER B 184 -8.43 5.00 15.05
CA SER B 184 -8.17 3.72 15.67
C SER B 184 -9.43 2.88 15.67
N SER B 185 -9.26 1.57 15.83
CA SER B 185 -10.39 0.69 15.97
C SER B 185 -10.04 -0.43 16.92
N SER B 186 -11.03 -0.89 17.66
CA SER B 186 -10.84 -2.02 18.55
C SER B 186 -11.81 -3.14 18.24
N VAL B 187 -11.39 -4.36 18.53
CA VAL B 187 -12.29 -5.49 18.44
C VAL B 187 -12.11 -6.38 19.67
N THR B 188 -13.22 -6.88 20.19
CA THR B 188 -13.18 -7.69 21.40
C THR B 188 -13.75 -9.04 21.07
N VAL B 189 -13.02 -10.09 21.39
CA VAL B 189 -13.44 -11.45 21.14
C VAL B 189 -13.22 -12.29 22.39
N THR B 190 -13.74 -13.51 22.41
CA THR B 190 -13.50 -14.40 23.55
C THR B 190 -12.03 -14.82 23.55
N SER B 191 -11.46 -15.08 24.73
CA SER B 191 -10.05 -15.44 24.82
C SER B 191 -9.76 -16.76 24.10
N SER B 192 -10.78 -17.59 23.99
CA SER B 192 -10.64 -18.83 23.24
C SER B 192 -10.58 -18.61 21.73
N THR B 193 -10.79 -17.36 21.30
CA THR B 193 -10.83 -17.02 19.88
C THR B 193 -9.49 -16.53 19.36
N TRP B 194 -8.73 -15.85 20.21
CA TRP B 194 -7.46 -15.27 19.79
C TRP B 194 -6.42 -15.50 20.87
N PRO B 195 -5.17 -15.84 20.49
CA PRO B 195 -4.62 -15.89 19.13
C PRO B 195 -4.84 -17.17 18.36
N SER B 196 -5.71 -18.06 18.82
CA SER B 196 -5.86 -19.35 18.14
C SER B 196 -6.45 -19.16 16.74
N GLN B 197 -7.25 -18.12 16.56
CA GLN B 197 -7.74 -17.76 15.24
C GLN B 197 -7.12 -16.45 14.77
N SER B 198 -6.97 -16.31 13.46
CA SER B 198 -6.38 -15.14 12.87
CA SER B 198 -6.37 -15.13 12.86
C SER B 198 -7.34 -13.95 12.89
N ILE B 199 -6.86 -12.81 13.34
CA ILE B 199 -7.65 -11.59 13.27
C ILE B 199 -6.86 -10.54 12.52
N THR B 200 -7.50 -9.95 11.52
CA THR B 200 -6.83 -9.05 10.61
C THR B 200 -7.61 -7.75 10.55
N CYS B 201 -6.90 -6.64 10.65
CA CYS B 201 -7.58 -5.37 10.41
CA CYS B 201 -7.47 -5.32 10.44
C CYS B 201 -7.31 -4.93 8.97
N ASN B 202 -8.41 -4.70 8.25
CA ASN B 202 -8.36 -4.36 6.83
C ASN B 202 -8.66 -2.91 6.60
N VAL B 203 -7.68 -2.17 6.09
CA VAL B 203 -7.83 -0.73 5.95
C VAL B 203 -7.71 -0.35 4.49
N ALA B 204 -8.65 0.43 3.97
CA ALA B 204 -8.54 0.91 2.61
C ALA B 204 -8.58 2.44 2.62
N HIS B 205 -7.71 3.03 1.81
CA HIS B 205 -7.67 4.47 1.69
C HIS B 205 -7.82 4.83 0.21
N PRO B 206 -9.06 5.06 -0.23
CA PRO B 206 -9.34 5.29 -1.66
C PRO B 206 -8.48 6.39 -2.29
N ALA B 207 -8.28 7.50 -1.57
CA ALA B 207 -7.55 8.62 -2.14
C ALA B 207 -6.11 8.27 -2.55
N SER B 208 -5.46 7.35 -1.83
CA SER B 208 -4.09 6.96 -2.18
C SER B 208 -4.05 5.60 -2.87
N SER B 209 -5.23 5.05 -3.15
CA SER B 209 -5.39 3.74 -3.80
C SER B 209 -4.68 2.61 -3.06
N THR B 210 -4.67 2.69 -1.74
CA THR B 210 -3.89 1.76 -0.93
C THR B 210 -4.81 0.89 -0.05
N LYS B 211 -4.44 -0.38 0.12
CA LYS B 211 -5.14 -1.26 1.06
C LYS B 211 -4.08 -1.91 1.93
N VAL B 212 -4.36 -2.05 3.22
CA VAL B 212 -3.45 -2.76 4.09
C VAL B 212 -4.22 -3.82 4.83
N ASP B 213 -3.70 -5.04 4.90
CA ASP B 213 -4.36 -6.08 5.69
C ASP B 213 -3.42 -6.55 6.78
N LYS B 214 -3.56 -5.97 7.97
CA LYS B 214 -2.59 -6.17 9.03
C LYS B 214 -3.06 -7.24 10.02
N LYS B 215 -2.40 -8.39 10.03
CA LYS B 215 -2.68 -9.44 11.01
C LYS B 215 -2.26 -8.95 12.40
N ILE B 216 -3.08 -9.21 13.41
CA ILE B 216 -2.68 -8.91 14.79
C ILE B 216 -2.00 -10.13 15.39
N GLU B 217 -0.70 -10.01 15.65
CA GLU B 217 0.11 -11.11 16.16
C GLU B 217 0.46 -10.86 17.60
N PRO B 218 0.57 -11.93 18.41
CA PRO B 218 1.06 -11.76 19.78
C PRO B 218 2.41 -11.01 19.81
N ARG B 219 2.57 -10.13 20.80
CA ARG B 219 3.84 -9.39 20.97
C ARG B 219 4.98 -10.35 21.31
N ALA B 220 6.19 -10.06 20.87
CA ALA B 220 7.34 -10.93 21.16
C ALA B 220 7.71 -10.96 22.63
N ASP C 1 44.87 -20.92 -4.06
CA ASP C 1 43.91 -21.79 -4.74
C ASP C 1 44.37 -22.01 -6.16
N ILE C 2 43.62 -22.81 -6.92
CA ILE C 2 43.83 -22.92 -8.35
C ILE C 2 42.82 -21.99 -9.00
N GLN C 3 43.28 -21.10 -9.86
CA GLN C 3 42.39 -20.16 -10.51
C GLN C 3 41.88 -20.76 -11.82
N MET C 4 40.56 -20.78 -11.98
CA MET C 4 39.96 -21.25 -13.21
C MET C 4 39.45 -20.07 -14.02
N THR C 5 39.88 -19.99 -15.28
CA THR C 5 39.55 -18.86 -16.15
C THR C 5 38.68 -19.25 -17.31
N GLN C 6 37.47 -18.72 -17.35
CA GLN C 6 36.63 -18.83 -18.53
C GLN C 6 36.68 -17.46 -19.20
N THR C 7 37.44 -17.36 -20.28
CA THR C 7 37.77 -16.07 -20.87
C THR C 7 36.56 -15.37 -21.47
N THR C 8 35.54 -16.14 -21.85
CA THR C 8 34.33 -15.56 -22.43
C THR C 8 33.18 -15.58 -21.44
N SER C 9 32.67 -14.42 -21.04
CA SER C 9 31.58 -14.39 -20.06
C SER C 9 30.21 -14.52 -20.73
N SER C 10 30.12 -14.11 -21.99
CA SER C 10 28.87 -14.17 -22.75
C SER C 10 29.11 -14.62 -24.19
N LEU C 11 28.29 -15.55 -24.66
CA LEU C 11 28.46 -16.13 -25.98
C LEU C 11 27.11 -16.26 -26.68
N SER C 12 27.01 -15.74 -27.90
CA SER C 12 25.78 -15.86 -28.66
C SER C 12 25.86 -16.98 -29.68
N ALA C 13 24.73 -17.67 -29.83
CA ALA C 13 24.64 -18.80 -30.74
C ALA C 13 23.24 -18.98 -31.30
N SER C 14 23.14 -19.68 -32.42
CA SER C 14 21.84 -20.03 -32.99
C SER C 14 21.48 -21.46 -32.67
N LEU C 15 20.17 -21.73 -32.63
CA LEU C 15 19.73 -23.12 -32.49
C LEU C 15 20.32 -23.95 -33.63
N GLY C 16 20.81 -25.13 -33.28
CA GLY C 16 21.48 -26.01 -34.20
C GLY C 16 22.98 -25.81 -34.33
N ASP C 17 23.49 -24.72 -33.76
CA ASP C 17 24.93 -24.43 -33.87
C ASP C 17 25.75 -25.37 -33.01
N ARG C 18 27.00 -25.60 -33.41
CA ARG C 18 28.01 -26.17 -32.52
C ARG C 18 28.63 -25.05 -31.67
N VAL C 19 28.66 -25.23 -30.36
CA VAL C 19 29.09 -24.19 -29.42
C VAL C 19 30.23 -24.77 -28.60
N THR C 20 31.30 -24.02 -28.42
CA THR C 20 32.40 -24.46 -27.59
C THR C 20 32.64 -23.40 -26.53
N ILE C 21 32.83 -23.87 -25.31
CA ILE C 21 33.09 -23.03 -24.16
C ILE C 21 34.43 -23.44 -23.58
N SER C 22 35.35 -22.48 -23.39
CA SER C 22 36.70 -22.82 -22.95
C SER C 22 36.96 -22.50 -21.48
N CYS C 23 37.85 -23.28 -20.88
CA CYS C 23 38.23 -23.13 -19.47
C CYS C 23 39.74 -23.31 -19.38
N ARG C 24 40.42 -22.47 -18.60
CA ARG C 24 41.84 -22.62 -18.37
C ARG C 24 42.10 -22.76 -16.87
N ALA C 25 43.00 -23.67 -16.48
CA ALA C 25 43.41 -23.74 -15.08
C ALA C 25 44.79 -23.12 -14.90
N SER C 26 45.06 -22.60 -13.71
CA SER C 26 46.32 -21.89 -13.52
C SER C 26 47.48 -22.85 -13.27
N GLN C 27 47.16 -24.11 -13.04
CA GLN C 27 48.19 -25.13 -13.02
C GLN C 27 47.61 -26.44 -13.46
N ASP C 28 48.46 -27.43 -13.66
CA ASP C 28 47.96 -28.74 -14.07
C ASP C 28 47.02 -29.33 -13.02
N ILE C 29 45.87 -29.80 -13.46
CA ILE C 29 44.87 -30.37 -12.57
C ILE C 29 44.59 -31.79 -12.98
N SER C 30 45.51 -32.31 -13.80
CA SER C 30 45.36 -33.60 -14.43
C SER C 30 44.05 -33.53 -15.18
N ASN C 31 43.15 -34.38 -14.81
CA ASN C 31 41.92 -34.42 -15.55
C ASN C 31 40.71 -34.17 -14.68
N PHE C 32 40.95 -33.66 -13.48
CA PHE C 32 39.86 -33.44 -12.52
C PHE C 32 39.19 -32.11 -12.80
N LEU C 33 38.45 -32.09 -13.89
CA LEU C 33 37.79 -30.90 -14.40
C LEU C 33 36.35 -31.27 -14.69
N ASN C 34 35.41 -30.56 -14.06
CA ASN C 34 33.99 -30.87 -14.25
C ASN C 34 33.26 -29.66 -14.79
N TRP C 35 32.12 -29.90 -15.46
CA TRP C 35 31.32 -28.83 -16.01
C TRP C 35 29.90 -28.87 -15.49
N TYR C 36 29.37 -27.70 -15.14
CA TYR C 36 28.01 -27.57 -14.60
C TYR C 36 27.18 -26.62 -15.45
N GLN C 37 25.87 -26.86 -15.45
CA GLN C 37 24.96 -25.99 -16.15
C GLN C 37 23.99 -25.38 -15.16
N GLN C 38 23.88 -24.05 -15.18
CA GLN C 38 22.92 -23.39 -14.33
C GLN C 38 21.84 -22.68 -15.16
N LYS C 39 20.59 -22.99 -14.87
CA LYS C 39 19.44 -22.42 -15.57
C LYS C 39 18.99 -21.12 -14.90
N PRO C 40 18.21 -20.29 -15.62
CA PRO C 40 17.69 -19.04 -15.06
C PRO C 40 16.86 -19.21 -13.78
N ASP C 41 16.21 -20.35 -13.60
CA ASP C 41 15.46 -20.60 -12.37
C ASP C 41 16.33 -21.06 -11.21
N GLY C 42 17.64 -21.08 -11.43
CA GLY C 42 18.57 -21.40 -10.36
C GLY C 42 18.99 -22.86 -10.27
N THR C 43 18.36 -23.73 -11.04
CA THR C 43 18.73 -25.13 -10.95
C THR C 43 20.10 -25.37 -11.57
N VAL C 44 20.86 -26.24 -10.93
CA VAL C 44 22.21 -26.59 -11.37
C VAL C 44 22.30 -28.08 -11.65
N LYS C 45 22.94 -28.43 -12.76
CA LYS C 45 23.14 -29.83 -13.11
C LYS C 45 24.61 -30.09 -13.44
N LEU C 46 25.13 -31.21 -12.98
CA LEU C 46 26.38 -31.76 -13.51
C LEU C 46 26.19 -32.23 -14.98
N LEU C 47 27.12 -31.86 -15.86
CA LEU C 47 27.12 -32.30 -17.26
C LEU C 47 28.23 -33.29 -17.58
N ILE C 48 29.47 -32.87 -17.30
CA ILE C 48 30.65 -33.59 -17.70
C ILE C 48 31.56 -33.65 -16.50
N TYR C 49 32.19 -34.79 -16.23
CA TYR C 49 33.15 -34.84 -15.13
C TYR C 49 34.42 -35.53 -15.60
N TYR C 50 35.50 -35.33 -14.85
CA TYR C 50 36.81 -35.90 -15.19
C TYR C 50 37.11 -35.64 -16.65
N THR C 51 36.97 -34.38 -17.02
CA THR C 51 37.28 -33.84 -18.35
C THR C 51 36.31 -34.22 -19.44
N SER C 52 35.97 -35.51 -19.55
CA SER C 52 35.22 -35.96 -20.74
C SER C 52 34.11 -36.99 -20.44
N ARG C 53 33.92 -37.35 -19.17
CA ARG C 53 32.91 -38.36 -18.87
C ARG C 53 31.54 -37.72 -18.74
N LEU C 54 30.55 -38.33 -19.40
CA LEU C 54 29.20 -37.80 -19.49
C LEU C 54 28.37 -38.30 -18.31
N HIS C 55 27.79 -37.39 -17.53
CA HIS C 55 26.98 -37.79 -16.39
C HIS C 55 25.69 -38.42 -16.86
N SER C 56 25.20 -39.41 -16.13
CA SER C 56 23.91 -40.03 -16.44
C SER C 56 22.80 -38.99 -16.50
N GLY C 57 21.92 -39.10 -17.47
CA GLY C 57 20.85 -38.14 -17.62
C GLY C 57 21.25 -36.90 -18.40
N VAL C 58 22.48 -36.86 -18.91
CA VAL C 58 22.90 -35.77 -19.78
C VAL C 58 23.04 -36.27 -21.21
N PRO C 59 22.42 -35.56 -22.18
CA PRO C 59 22.49 -36.04 -23.56
C PRO C 59 23.89 -35.91 -24.15
N SER C 60 24.23 -36.80 -25.06
CA SER C 60 25.58 -36.91 -25.60
C SER C 60 25.93 -35.75 -26.57
N ARG C 61 25.00 -34.83 -26.80
CA ARG C 61 25.38 -33.63 -27.54
C ARG C 61 26.36 -32.77 -26.73
N PHE C 62 26.43 -33.01 -25.41
CA PHE C 62 27.47 -32.40 -24.57
C PHE C 62 28.70 -33.27 -24.56
N SER C 63 29.86 -32.67 -24.77
CA SER C 63 31.10 -33.43 -24.66
C SER C 63 32.19 -32.53 -24.09
N GLY C 64 33.19 -33.15 -23.46
CA GLY C 64 34.29 -32.40 -22.90
C GLY C 64 35.63 -32.86 -23.47
N SER C 65 36.56 -31.94 -23.59
CA SER C 65 37.91 -32.28 -24.00
C SER C 65 38.90 -31.50 -23.19
N GLY C 66 40.16 -31.89 -23.25
CA GLY C 66 41.19 -31.07 -22.66
C GLY C 66 42.22 -31.89 -21.93
N SER C 67 43.35 -31.27 -21.62
CA SER C 67 44.41 -31.92 -20.87
C SER C 67 45.38 -30.87 -20.37
N GLY C 68 46.04 -31.16 -19.27
CA GLY C 68 46.97 -30.22 -18.68
C GLY C 68 46.22 -29.06 -18.06
N THR C 69 46.25 -27.93 -18.74
CA THR C 69 45.60 -26.75 -18.18
C THR C 69 44.48 -26.16 -19.07
N ASP C 70 44.23 -26.73 -20.25
CA ASP C 70 43.16 -26.19 -21.11
C ASP C 70 42.06 -27.20 -21.39
N PHE C 71 40.83 -26.73 -21.30
CA PHE C 71 39.65 -27.60 -21.30
C PHE C 71 38.57 -26.95 -22.08
N SER C 72 37.68 -27.77 -22.66
CA SER C 72 36.58 -27.16 -23.39
C SER C 72 35.35 -28.04 -23.28
N LEU C 73 34.19 -27.39 -23.22
CA LEU C 73 32.90 -28.07 -23.30
C LEU C 73 32.29 -27.78 -24.66
N THR C 74 31.85 -28.80 -25.38
CA THR C 74 31.21 -28.55 -26.65
C THR C 74 29.77 -29.05 -26.63
N ILE C 75 28.88 -28.22 -27.18
CA ILE C 75 27.51 -28.62 -27.47
C ILE C 75 27.41 -28.82 -28.97
N SER C 76 27.13 -30.03 -29.41
CA SER C 76 27.27 -30.35 -30.83
C SER C 76 26.21 -29.67 -31.68
N LYS C 77 25.00 -29.59 -31.15
CA LYS C 77 23.87 -28.99 -31.86
C LYS C 77 22.96 -28.34 -30.83
N LEU C 78 23.00 -27.01 -30.75
CA LEU C 78 22.37 -26.29 -29.65
C LEU C 78 20.86 -26.38 -29.65
N GLU C 79 20.28 -26.70 -28.49
CA GLU C 79 18.84 -26.65 -28.31
C GLU C 79 18.43 -25.53 -27.38
N GLN C 80 17.15 -25.19 -27.41
CA GLN C 80 16.64 -24.09 -26.60
C GLN C 80 16.88 -24.36 -25.12
N GLU C 81 16.72 -25.61 -24.71
CA GLU C 81 16.98 -25.97 -23.32
C GLU C 81 18.45 -25.81 -22.89
N ASP C 82 19.36 -25.58 -23.84
CA ASP C 82 20.77 -25.42 -23.48
C ASP C 82 21.13 -23.97 -23.23
N ILE C 83 20.20 -23.04 -23.44
CA ILE C 83 20.47 -21.64 -23.07
C ILE C 83 20.55 -21.55 -21.56
N ALA C 84 21.75 -21.23 -21.06
CA ALA C 84 22.06 -21.37 -19.66
C ALA C 84 23.45 -20.81 -19.43
N THR C 85 23.91 -20.87 -18.19
CA THR C 85 25.27 -20.49 -17.86
C THR C 85 26.08 -21.73 -17.49
N TYR C 86 27.30 -21.80 -18.01
CA TYR C 86 28.13 -22.99 -17.87
C TYR C 86 29.36 -22.66 -17.06
N PHE C 87 29.68 -23.51 -16.08
CA PHE C 87 30.82 -23.30 -15.19
C PHE C 87 31.75 -24.48 -15.22
N CYS C 88 33.05 -24.24 -15.27
CA CYS C 88 33.99 -25.33 -15.03
C CYS C 88 34.42 -25.35 -13.57
N GLN C 89 34.98 -26.46 -13.12
CA GLN C 89 35.35 -26.63 -11.73
C GLN C 89 36.48 -27.62 -11.63
N GLN C 90 37.54 -27.28 -10.88
CA GLN C 90 38.61 -28.27 -10.68
C GLN C 90 38.47 -28.96 -9.33
N GLY C 91 38.86 -30.23 -9.30
CA GLY C 91 38.87 -30.97 -8.06
C GLY C 91 40.22 -31.60 -7.75
N ASN C 92 41.31 -31.03 -8.27
CA ASN C 92 42.64 -31.57 -7.99
C ASN C 92 43.21 -31.09 -6.63
N THR C 93 42.92 -29.84 -6.26
CA THR C 93 43.41 -29.31 -4.98
C THR C 93 42.30 -28.56 -4.22
N LEU C 94 42.36 -28.63 -2.89
CA LEU C 94 41.49 -27.80 -2.07
C LEU C 94 42.08 -26.40 -1.94
N PRO C 95 41.22 -25.39 -1.91
CA PRO C 95 39.75 -25.46 -1.99
C PRO C 95 39.27 -25.74 -3.40
N LEU C 96 38.20 -26.50 -3.56
CA LEU C 96 37.61 -26.64 -4.86
C LEU C 96 37.28 -25.26 -5.40
N THR C 97 37.54 -25.05 -6.68
CA THR C 97 37.26 -23.76 -7.29
C THR C 97 36.57 -23.86 -8.65
N PHE C 98 35.85 -22.79 -8.97
CA PHE C 98 35.03 -22.71 -10.17
C PHE C 98 35.50 -21.58 -11.07
N GLY C 99 35.27 -21.71 -12.36
CA GLY C 99 35.40 -20.59 -13.27
C GLY C 99 34.26 -19.60 -13.08
N ALA C 100 34.34 -18.43 -13.72
CA ALA C 100 33.37 -17.38 -13.48
C ALA C 100 32.09 -17.56 -14.27
N GLY C 101 32.10 -18.51 -15.21
CA GLY C 101 30.88 -18.86 -15.92
C GLY C 101 30.78 -18.24 -17.29
N THR C 102 30.12 -18.95 -18.21
CA THR C 102 29.91 -18.45 -19.56
C THR C 102 28.42 -18.55 -19.81
N LYS C 103 27.76 -17.42 -20.03
CA LYS C 103 26.33 -17.41 -20.31
C LYS C 103 26.03 -17.49 -21.81
N LEU C 104 25.24 -18.49 -22.22
CA LEU C 104 24.84 -18.63 -23.60
C LEU C 104 23.56 -17.88 -23.86
N GLU C 105 23.53 -17.15 -24.97
CA GLU C 105 22.32 -16.47 -25.34
C GLU C 105 22.03 -16.75 -26.81
N LEU C 106 20.78 -16.55 -27.22
CA LEU C 106 20.38 -16.88 -28.57
C LEU C 106 20.50 -15.71 -29.52
N LYS C 107 21.03 -15.97 -30.72
CA LYS C 107 21.04 -14.95 -31.76
C LYS C 107 19.68 -14.81 -32.38
N ARG C 108 19.38 -13.59 -32.82
CA ARG C 108 18.21 -13.33 -33.63
C ARG C 108 18.50 -12.11 -34.48
N ALA C 109 17.52 -11.68 -35.27
CA ALA C 109 17.70 -10.50 -36.10
C ALA C 109 17.83 -9.26 -35.23
N GLU C 110 18.65 -8.32 -35.67
CA GLU C 110 18.75 -7.06 -34.94
C GLU C 110 17.40 -6.36 -34.87
N ALA C 111 17.14 -5.77 -33.71
CA ALA C 111 15.88 -5.10 -33.43
C ALA C 111 16.17 -3.78 -32.72
N ALA C 112 15.63 -2.71 -33.27
CA ALA C 112 15.79 -1.40 -32.68
C ALA C 112 14.94 -1.26 -31.42
N PRO C 113 15.46 -0.58 -30.40
CA PRO C 113 14.65 -0.43 -29.19
C PRO C 113 13.49 0.48 -29.45
N THR C 114 12.36 0.17 -28.80
CA THR C 114 11.25 1.10 -28.71
C THR C 114 11.49 1.91 -27.45
N VAL C 115 11.73 3.21 -27.63
CA VAL C 115 12.12 4.07 -26.52
C VAL C 115 10.99 5.01 -26.12
N SER C 116 10.66 5.01 -24.83
CA SER C 116 9.59 5.84 -24.29
C SER C 116 10.09 6.59 -23.07
N ILE C 117 9.78 7.88 -22.99
CA ILE C 117 10.23 8.66 -21.84
C ILE C 117 9.03 9.13 -21.02
N PHE C 118 9.22 9.21 -19.70
CA PHE C 118 8.15 9.57 -18.78
C PHE C 118 8.64 10.58 -17.78
N PRO C 119 7.99 11.74 -17.76
CA PRO C 119 8.28 12.75 -16.75
C PRO C 119 7.84 12.26 -15.37
N PRO C 120 8.30 12.93 -14.31
CA PRO C 120 7.84 12.59 -12.96
C PRO C 120 6.31 12.64 -12.85
N SER C 121 5.73 11.75 -12.06
CA SER C 121 4.31 11.82 -11.77
C SER C 121 4.02 13.01 -10.86
N SER C 122 2.81 13.54 -10.95
CA SER C 122 2.34 14.54 -10.01
C SER C 122 2.45 14.02 -8.57
N GLU C 123 2.15 12.75 -8.33
CA GLU C 123 2.27 12.19 -6.99
C GLU C 123 3.70 12.28 -6.46
N GLN C 124 4.67 11.89 -7.28
CA GLN C 124 6.05 11.95 -6.81
C GLN C 124 6.48 13.38 -6.55
N LEU C 125 6.14 14.29 -7.46
CA LEU C 125 6.52 15.70 -7.30
C LEU C 125 5.98 16.31 -6.01
N THR C 126 4.80 15.86 -5.61
CA THR C 126 4.17 16.32 -4.39
C THR C 126 4.98 15.87 -3.15
N SER C 127 5.68 14.74 -3.29
CA SER C 127 6.52 14.22 -2.23
C SER C 127 7.94 14.80 -2.25
N GLY C 128 8.20 15.68 -3.22
CA GLY C 128 9.48 16.36 -3.30
C GLY C 128 10.52 15.65 -4.16
N GLY C 129 10.11 14.55 -4.80
CA GLY C 129 11.03 13.82 -5.66
C GLY C 129 10.69 13.98 -7.13
N ALA C 130 11.64 13.60 -7.99
CA ALA C 130 11.40 13.68 -9.43
C ALA C 130 12.23 12.63 -10.16
N SER C 131 11.56 11.55 -10.53
CA SER C 131 12.20 10.53 -11.32
C SER C 131 11.76 10.64 -12.77
N VAL C 132 12.73 10.62 -13.67
CA VAL C 132 12.46 10.61 -15.09
C VAL C 132 12.79 9.20 -15.57
N VAL C 133 11.84 8.55 -16.22
CA VAL C 133 12.04 7.13 -16.59
C VAL C 133 12.07 6.97 -18.09
N CYS C 134 13.02 6.18 -18.55
CA CYS C 134 13.13 5.87 -19.96
C CYS C 134 13.07 4.35 -20.12
N PHE C 135 12.10 3.85 -20.87
CA PHE C 135 12.13 2.43 -21.22
C PHE C 135 12.73 2.24 -22.60
N LEU C 136 13.62 1.26 -22.74
CA LEU C 136 14.17 0.89 -24.03
C LEU C 136 13.86 -0.58 -24.25
N ASN C 137 12.81 -0.86 -25.01
CA ASN C 137 12.20 -2.19 -25.04
C ASN C 137 12.39 -2.96 -26.34
N ASN C 138 12.55 -4.27 -26.17
CA ASN C 138 12.58 -5.24 -27.25
C ASN C 138 13.65 -4.97 -28.31
N PHE C 139 14.91 -4.87 -27.88
CA PHE C 139 16.03 -4.66 -28.79
C PHE C 139 16.95 -5.86 -28.83
N TYR C 140 17.75 -5.90 -29.89
CA TYR C 140 18.75 -6.93 -30.06
C TYR C 140 19.78 -6.32 -31.01
N PRO C 141 21.09 -6.47 -30.71
CA PRO C 141 21.69 -7.26 -29.64
C PRO C 141 21.62 -6.57 -28.29
N LYS C 142 22.15 -7.23 -27.26
CA LYS C 142 21.95 -6.78 -25.87
C LYS C 142 22.78 -5.54 -25.54
N ASP C 143 23.87 -5.33 -26.26
CA ASP C 143 24.74 -4.19 -25.97
C ASP C 143 24.05 -2.88 -26.30
N ILE C 144 23.97 -2.00 -25.31
CA ILE C 144 23.30 -0.72 -25.49
C ILE C 144 23.88 0.24 -24.45
N ASN C 145 23.97 1.51 -24.81
CA ASN C 145 24.42 2.53 -23.87
C ASN C 145 23.42 3.66 -23.79
N VAL C 146 23.10 4.07 -22.57
CA VAL C 146 22.13 5.12 -22.36
C VAL C 146 22.81 6.29 -21.66
N LYS C 147 22.58 7.50 -22.18
CA LYS C 147 23.06 8.72 -21.56
C LYS C 147 21.90 9.65 -21.29
N TRP C 148 21.91 10.27 -20.13
CA TRP C 148 20.91 11.26 -19.82
C TRP C 148 21.50 12.63 -20.06
N LYS C 149 20.73 13.50 -20.71
CA LYS C 149 21.15 14.87 -20.86
C LYS C 149 20.09 15.78 -20.30
N ILE C 150 20.56 16.81 -19.63
CA ILE C 150 19.71 17.83 -19.08
C ILE C 150 20.08 19.13 -19.81
N ASP C 151 19.17 19.64 -20.64
CA ASP C 151 19.45 20.78 -21.53
C ASP C 151 20.74 20.58 -22.33
N GLY C 152 20.91 19.40 -22.92
CA GLY C 152 22.07 19.12 -23.75
C GLY C 152 23.32 18.75 -22.97
N SER C 153 23.26 18.82 -21.65
CA SER C 153 24.40 18.48 -20.81
C SER C 153 24.25 17.11 -20.19
N GLU C 154 25.24 16.24 -20.41
CA GLU C 154 25.18 14.90 -19.88
C GLU C 154 25.11 14.89 -18.35
N ARG C 155 24.23 14.07 -17.81
CA ARG C 155 24.10 13.90 -16.37
C ARG C 155 24.36 12.44 -16.00
N GLN C 156 25.28 12.21 -15.07
CA GLN C 156 25.62 10.84 -14.71
C GLN C 156 25.15 10.46 -13.31
N ASN C 157 25.18 11.41 -12.38
CA ASN C 157 24.74 11.14 -11.02
C ASN C 157 23.22 10.98 -10.94
N GLY C 158 22.76 9.95 -10.23
CA GLY C 158 21.33 9.77 -10.01
C GLY C 158 20.67 8.87 -11.03
N VAL C 159 21.49 8.17 -11.82
CA VAL C 159 20.98 7.31 -12.87
C VAL C 159 21.09 5.87 -12.44
N LEU C 160 19.97 5.15 -12.49
CA LEU C 160 19.98 3.75 -12.18
C LEU C 160 19.37 2.97 -13.33
N ASN C 161 20.07 1.93 -13.75
CA ASN C 161 19.63 1.10 -14.87
C ASN C 161 19.32 -0.31 -14.45
N SER C 162 18.33 -0.90 -15.10
CA SER C 162 17.98 -2.28 -14.86
C SER C 162 17.72 -2.97 -16.18
N TRP C 163 18.20 -4.19 -16.31
CA TRP C 163 18.07 -4.91 -17.58
C TRP C 163 17.31 -6.21 -17.39
N THR C 164 16.46 -6.55 -18.36
CA THR C 164 15.86 -7.87 -18.37
C THR C 164 16.83 -8.88 -18.96
N ASP C 165 16.65 -10.13 -18.56
CA ASP C 165 17.30 -11.24 -19.22
C ASP C 165 16.69 -11.42 -20.59
N GLN C 166 17.39 -12.15 -21.46
CA GLN C 166 16.86 -12.38 -22.79
C GLN C 166 15.46 -13.00 -22.74
N ASP C 167 14.54 -12.42 -23.48
CA ASP C 167 13.19 -12.92 -23.55
C ASP C 167 13.15 -14.32 -24.17
N SER C 168 12.47 -15.25 -23.51
CA SER C 168 12.48 -16.64 -23.97
C SER C 168 11.63 -16.85 -25.23
N LYS C 169 10.74 -15.91 -25.52
CA LYS C 169 9.85 -16.04 -26.66
C LYS C 169 10.32 -15.29 -27.92
N ASP C 170 10.90 -14.12 -27.76
CA ASP C 170 11.32 -13.37 -28.96
C ASP C 170 12.80 -13.01 -28.96
N SER C 171 13.52 -13.47 -27.93
CA SER C 171 15.00 -13.41 -27.86
C SER C 171 15.54 -11.99 -27.79
N THR C 172 14.67 -11.12 -27.38
CA THR C 172 14.93 -9.71 -27.31
C THR C 172 15.33 -9.26 -25.89
N TYR C 173 15.89 -8.05 -25.76
CA TYR C 173 16.27 -7.52 -24.43
C TYR C 173 15.52 -6.23 -24.18
N SER C 174 15.37 -5.86 -22.92
CA SER C 174 14.76 -4.58 -22.58
C SER C 174 15.53 -3.94 -21.42
N MET C 175 15.39 -2.64 -21.29
CA MET C 175 16.16 -1.89 -20.31
C MET C 175 15.30 -0.78 -19.75
N SER C 176 15.46 -0.50 -18.47
CA SER C 176 14.80 0.63 -17.88
C SER C 176 15.86 1.52 -17.32
N SER C 177 15.82 2.82 -17.63
CA SER C 177 16.79 3.76 -17.08
C SER C 177 16.06 4.87 -16.35
N THR C 178 16.46 5.16 -15.12
CA THR C 178 15.76 6.18 -14.34
C THR C 178 16.74 7.20 -13.82
N LEU C 179 16.44 8.47 -14.11
CA LEU C 179 17.21 9.59 -13.58
C LEU C 179 16.41 10.19 -12.44
N THR C 180 16.98 10.18 -11.24
CA THR C 180 16.24 10.71 -10.09
C THR C 180 16.89 12.00 -9.60
N LEU C 181 16.07 13.04 -9.48
CA LEU C 181 16.49 14.35 -8.98
C LEU C 181 15.56 14.76 -7.86
N THR C 182 15.90 15.84 -7.17
CA THR C 182 14.93 16.51 -6.31
C THR C 182 13.96 17.30 -7.20
N LYS C 183 12.73 17.50 -6.72
CA LYS C 183 11.78 18.38 -7.42
C LYS C 183 12.39 19.74 -7.72
N ASP C 184 13.12 20.30 -6.75
CA ASP C 184 13.77 21.58 -6.94
C ASP C 184 14.78 21.53 -8.08
N GLU C 185 15.60 20.48 -8.13
CA GLU C 185 16.57 20.31 -9.19
C GLU C 185 15.84 20.22 -10.52
N TYR C 186 14.81 19.37 -10.54
CA TYR C 186 14.03 19.11 -11.75
C TYR C 186 13.48 20.40 -12.39
N GLU C 187 13.00 21.31 -11.55
CA GLU C 187 12.32 22.48 -12.04
C GLU C 187 13.28 23.58 -12.46
N ARG C 188 14.58 23.29 -12.38
CA ARG C 188 15.60 24.26 -12.78
C ARG C 188 16.04 24.11 -14.23
N HIS C 189 15.46 23.16 -14.96
CA HIS C 189 15.92 22.84 -16.30
C HIS C 189 14.77 22.70 -17.30
N ASN C 190 15.09 22.90 -18.58
CA ASN C 190 14.06 22.90 -19.62
C ASN C 190 13.71 21.50 -20.09
N SER C 191 14.72 20.75 -20.49
CA SER C 191 14.45 19.51 -21.21
C SER C 191 15.23 18.35 -20.62
N TYR C 192 14.64 17.16 -20.75
CA TYR C 192 15.26 15.94 -20.30
C TYR C 192 15.28 14.99 -21.46
N THR C 193 16.44 14.39 -21.67
CA THR C 193 16.70 13.57 -22.82
C THR C 193 17.33 12.26 -22.41
N CYS C 194 16.76 11.17 -22.91
CA CYS C 194 17.33 9.85 -22.78
CA CYS C 194 17.45 9.90 -22.75
C CYS C 194 17.93 9.51 -24.14
N GLU C 195 19.23 9.25 -24.22
CA GLU C 195 19.89 9.02 -25.50
C GLU C 195 20.53 7.65 -25.53
N ALA C 196 20.11 6.84 -26.50
CA ALA C 196 20.56 5.47 -26.60
C ALA C 196 21.46 5.25 -27.81
N THR C 197 22.65 4.70 -27.56
CA THR C 197 23.50 4.21 -28.63
C THR C 197 23.29 2.70 -28.74
N HIS C 198 22.98 2.27 -29.95
CA HIS C 198 22.71 0.87 -30.26
C HIS C 198 23.11 0.61 -31.71
N LYS C 199 23.52 -0.62 -31.99
CA LYS C 199 23.91 -1.07 -33.33
C LYS C 199 22.95 -0.63 -34.44
N THR C 200 21.66 -0.63 -34.11
CA THR C 200 20.60 -0.42 -35.09
C THR C 200 20.46 1.00 -35.61
N SER C 201 21.12 1.96 -34.96
CA SER C 201 21.02 3.34 -35.39
C SER C 201 22.41 3.94 -35.54
N THR C 202 22.64 4.66 -36.63
CA THR C 202 23.94 5.28 -36.82
C THR C 202 24.11 6.40 -35.79
N SER C 203 23.07 7.21 -35.67
CA SER C 203 23.02 8.31 -34.69
C SER C 203 22.35 7.84 -33.40
N PRO C 204 22.63 8.52 -32.29
CA PRO C 204 21.94 8.13 -31.06
C PRO C 204 20.42 8.23 -31.21
N ILE C 205 19.72 7.28 -30.59
CA ILE C 205 18.28 7.38 -30.46
C ILE C 205 17.96 8.33 -29.31
N VAL C 206 17.32 9.44 -29.64
CA VAL C 206 16.99 10.49 -28.69
C VAL C 206 15.49 10.49 -28.38
N LYS C 207 15.15 10.50 -27.09
CA LYS C 207 13.78 10.77 -26.70
C LYS C 207 13.83 11.88 -25.66
N SER C 208 13.04 12.93 -25.84
CA SER C 208 13.11 14.07 -24.95
C SER C 208 11.72 14.58 -24.64
N PHE C 209 11.63 15.36 -23.58
CA PHE C 209 10.45 16.18 -23.38
C PHE C 209 10.92 17.48 -22.76
N ASN C 210 10.11 18.52 -22.98
CA ASN C 210 10.37 19.81 -22.41
C ASN C 210 9.40 20.00 -21.26
N ARG C 211 9.92 20.29 -20.08
CA ARG C 211 9.11 20.43 -18.89
C ARG C 211 8.12 21.59 -19.05
N ASN C 212 8.57 22.74 -19.58
CA ASN C 212 7.66 23.82 -19.92
C ASN C 212 8.47 24.85 -20.78
N GLU C 213 9.72 25.13 -20.41
CA GLU C 213 10.47 26.12 -21.15
C GLU C 213 11.77 25.53 -21.68
N GLU D 1 14.76 -41.27 -7.46
CA GLU D 1 15.46 -40.08 -7.90
C GLU D 1 16.11 -39.38 -6.71
N VAL D 2 17.40 -39.06 -6.84
CA VAL D 2 18.09 -38.26 -5.82
C VAL D 2 17.52 -36.84 -5.77
N GLN D 3 17.20 -36.37 -4.57
CA GLN D 3 16.61 -35.06 -4.39
C GLN D 3 17.27 -34.40 -3.18
N LEU D 4 17.67 -33.16 -3.36
CA LEU D 4 18.21 -32.39 -2.26
C LEU D 4 17.28 -31.20 -2.08
N GLN D 5 16.55 -31.18 -0.98
CA GLN D 5 15.52 -30.18 -0.79
C GLN D 5 15.97 -29.16 0.24
N GLN D 6 16.18 -27.94 -0.23
CA GLN D 6 16.67 -26.90 0.67
C GLN D 6 15.56 -26.08 1.29
N SER D 7 15.88 -25.45 2.42
CA SER D 7 14.90 -24.62 3.11
C SER D 7 14.70 -23.27 2.39
N GLY D 8 13.70 -22.53 2.83
CA GLY D 8 13.27 -21.34 2.09
C GLY D 8 14.10 -20.10 2.31
N PRO D 9 13.69 -19.00 1.68
CA PRO D 9 14.51 -17.79 1.64
C PRO D 9 14.63 -17.13 3.01
N GLU D 10 15.77 -16.50 3.26
CA GLU D 10 16.07 -15.92 4.55
C GLU D 10 16.35 -14.44 4.43
N LEU D 11 15.87 -13.69 5.41
CA LEU D 11 16.11 -12.25 5.46
C LEU D 11 16.49 -11.90 6.88
N VAL D 12 17.73 -11.43 7.06
CA VAL D 12 18.30 -11.27 8.38
C VAL D 12 19.07 -9.97 8.48
N LYS D 13 19.21 -9.46 9.69
CA LYS D 13 19.98 -8.24 9.90
C LYS D 13 21.47 -8.54 9.99
N PRO D 14 22.31 -7.53 9.70
CA PRO D 14 23.75 -7.76 9.89
C PRO D 14 24.09 -8.14 11.33
N GLY D 15 25.10 -9.00 11.46
CA GLY D 15 25.57 -9.45 12.76
C GLY D 15 24.84 -10.67 13.28
N ALA D 16 23.70 -10.98 12.69
CA ALA D 16 22.95 -12.15 13.15
C ALA D 16 23.49 -13.42 12.48
N SER D 17 22.86 -14.55 12.78
CA SER D 17 23.18 -15.83 12.19
CA SER D 17 23.20 -15.80 12.13
C SER D 17 21.97 -16.43 11.50
N VAL D 18 22.19 -17.37 10.61
CA VAL D 18 21.09 -18.05 9.96
C VAL D 18 21.51 -19.50 9.79
N LYS D 19 20.56 -20.43 9.86
CA LYS D 19 20.89 -21.83 9.64
C LYS D 19 19.97 -22.35 8.55
N ILE D 20 20.58 -22.83 7.49
CA ILE D 20 19.85 -23.31 6.33
C ILE D 20 20.02 -24.82 6.22
N SER D 21 19.00 -25.47 5.67
CA SER D 21 18.96 -26.92 5.71
C SER D 21 18.83 -27.52 4.31
N CYS D 22 19.20 -28.79 4.22
CA CYS D 22 19.22 -29.52 2.97
C CYS D 22 18.81 -30.96 3.27
N LYS D 23 17.57 -31.29 2.95
CA LYS D 23 17.05 -32.62 3.23
C LYS D 23 17.30 -33.55 2.03
N ALA D 24 18.08 -34.61 2.27
CA ALA D 24 18.49 -35.52 1.23
C ALA D 24 17.54 -36.70 1.15
N SER D 25 17.15 -37.04 -0.07
CA SER D 25 16.37 -38.28 -0.25
C SER D 25 16.72 -38.95 -1.57
N GLY D 26 16.25 -40.19 -1.73
CA GLY D 26 16.51 -40.94 -2.95
C GLY D 26 17.84 -41.66 -3.00
N TYR D 27 18.54 -41.68 -1.86
CA TYR D 27 19.82 -42.38 -1.76
C TYR D 27 20.20 -42.47 -0.29
N THR D 28 21.25 -43.23 0.00
CA THR D 28 21.73 -43.42 1.37
C THR D 28 22.60 -42.24 1.80
N PHE D 29 22.00 -41.36 2.60
CA PHE D 29 22.64 -40.12 3.05
C PHE D 29 24.09 -40.30 3.48
N THR D 30 24.36 -41.32 4.28
CA THR D 30 25.69 -41.46 4.84
C THR D 30 26.75 -42.01 3.87
N ASP D 31 26.35 -42.35 2.64
CA ASP D 31 27.29 -42.89 1.66
C ASP D 31 27.98 -41.79 0.86
N TYR D 32 27.57 -40.54 1.05
CA TYR D 32 28.18 -39.44 0.31
C TYR D 32 28.45 -38.26 1.23
N TYR D 33 29.40 -37.40 0.83
CA TYR D 33 29.60 -36.12 1.48
C TYR D 33 28.45 -35.18 1.15
N MET D 34 28.23 -34.20 1.99
CA MET D 34 27.43 -33.05 1.55
C MET D 34 28.31 -31.82 1.53
N ASN D 35 28.10 -31.01 0.51
CA ASN D 35 28.87 -29.78 0.30
C ASN D 35 27.95 -28.60 0.32
N TRP D 36 28.52 -27.42 0.58
CA TRP D 36 27.80 -26.20 0.35
C TRP D 36 28.56 -25.28 -0.56
N VAL D 37 27.82 -24.49 -1.35
CA VAL D 37 28.39 -23.67 -2.40
C VAL D 37 27.66 -22.34 -2.40
N LYS D 38 28.42 -21.25 -2.46
CA LYS D 38 27.83 -19.92 -2.52
C LYS D 38 27.81 -19.41 -3.95
N LEU D 39 26.70 -18.80 -4.37
CA LEU D 39 26.61 -18.13 -5.67
C LEU D 39 26.28 -16.67 -5.41
N SER D 40 27.23 -15.78 -5.73
CA SER D 40 26.97 -14.35 -5.56
C SER D 40 27.29 -13.62 -6.84
N HIS D 41 26.83 -12.39 -7.00
CA HIS D 41 27.21 -11.73 -8.24
C HIS D 41 28.20 -10.62 -7.96
N GLY D 42 29.18 -11.00 -7.15
CA GLY D 42 30.43 -10.27 -6.99
C GLY D 42 31.58 -11.27 -6.99
N LYS D 43 31.25 -12.55 -6.81
CA LYS D 43 32.26 -13.61 -6.69
C LYS D 43 31.92 -14.93 -7.40
N SER D 44 30.82 -14.95 -8.15
CA SER D 44 30.32 -16.17 -8.85
C SER D 44 30.16 -17.41 -7.91
N LEU D 45 30.60 -18.60 -8.33
CA LEU D 45 30.46 -19.81 -7.48
C LEU D 45 31.70 -20.05 -6.62
N GLU D 46 31.48 -20.26 -5.32
CA GLU D 46 32.54 -20.61 -4.38
C GLU D 46 32.15 -21.81 -3.55
N TRP D 47 33.09 -22.74 -3.40
CA TRP D 47 32.93 -23.87 -2.51
C TRP D 47 33.16 -23.47 -1.07
N ILE D 48 32.23 -23.84 -0.20
CA ILE D 48 32.33 -23.42 1.19
C ILE D 48 32.99 -24.48 2.04
N GLY D 49 32.56 -25.73 1.86
CA GLY D 49 33.13 -26.83 2.62
C GLY D 49 32.32 -28.10 2.45
N ASP D 50 32.78 -29.18 3.08
CA ASP D 50 32.02 -30.42 3.04
C ASP D 50 31.91 -31.02 4.44
N ILE D 51 31.00 -31.97 4.59
CA ILE D 51 30.84 -32.72 5.84
C ILE D 51 30.63 -34.19 5.53
N VAL D 52 31.19 -35.04 6.40
CA VAL D 52 30.94 -36.47 6.37
C VAL D 52 29.73 -36.79 7.23
N PRO D 53 28.59 -37.18 6.61
CA PRO D 53 27.42 -37.39 7.46
C PRO D 53 27.59 -38.46 8.53
N ASN D 54 28.36 -39.52 8.26
CA ASN D 54 28.52 -40.62 9.22
C ASN D 54 29.03 -40.17 10.57
N ASN D 55 29.99 -39.24 10.58
CA ASN D 55 30.62 -38.84 11.83
C ASN D 55 30.70 -37.33 12.08
N GLY D 56 30.24 -36.54 11.12
CA GLY D 56 30.26 -35.10 11.30
C GLY D 56 31.57 -34.40 10.98
N ASP D 57 32.56 -35.14 10.49
CA ASP D 57 33.85 -34.55 10.11
C ASP D 57 33.67 -33.53 9.00
N THR D 58 34.35 -32.40 9.12
CA THR D 58 34.19 -31.31 8.18
C THR D 58 35.51 -30.85 7.58
N THR D 59 35.42 -30.25 6.40
CA THR D 59 36.54 -29.62 5.73
C THR D 59 36.06 -28.28 5.16
N TYR D 60 36.77 -27.21 5.48
CA TYR D 60 36.37 -25.89 5.03
C TYR D 60 37.34 -25.25 4.05
N ASN D 61 36.77 -24.50 3.11
CA ASN D 61 37.48 -23.46 2.40
C ASN D 61 37.96 -22.44 3.44
N GLN D 62 39.26 -22.17 3.48
CA GLN D 62 39.81 -21.20 4.44
C GLN D 62 39.06 -19.86 4.44
N ASN D 63 38.58 -19.45 3.27
CA ASN D 63 37.87 -18.17 3.17
C ASN D 63 36.55 -18.15 3.94
N PHE D 64 36.04 -19.31 4.32
CA PHE D 64 34.77 -19.39 5.03
C PHE D 64 34.96 -19.88 6.46
N ARG D 65 36.21 -20.13 6.85
CA ARG D 65 36.48 -20.41 8.25
C ARG D 65 36.06 -19.20 9.08
N GLY D 66 35.26 -19.44 10.12
CA GLY D 66 34.74 -18.35 10.91
C GLY D 66 33.48 -17.74 10.35
N LYS D 67 33.03 -18.25 9.20
CA LYS D 67 31.81 -17.76 8.62
C LYS D 67 30.75 -18.86 8.63
N ALA D 68 31.13 -20.04 8.12
CA ALA D 68 30.21 -21.16 8.00
C ALA D 68 30.49 -22.25 9.03
N THR D 69 29.44 -22.91 9.50
CA THR D 69 29.60 -24.12 10.31
C THR D 69 28.70 -25.19 9.73
N LEU D 70 29.27 -26.31 9.34
CA LEU D 70 28.47 -27.39 8.74
C LEU D 70 28.14 -28.45 9.79
N THR D 71 26.87 -28.88 9.81
CA THR D 71 26.45 -29.99 10.66
C THR D 71 25.53 -30.93 9.90
N VAL D 72 25.28 -32.11 10.48
CA VAL D 72 24.25 -32.99 9.95
C VAL D 72 23.39 -33.52 11.07
N ASP D 73 22.18 -33.95 10.70
CA ASP D 73 21.36 -34.79 11.56
C ASP D 73 21.10 -36.10 10.82
N LYS D 74 21.89 -37.12 11.15
CA LYS D 74 21.80 -38.43 10.50
C LYS D 74 20.40 -39.01 10.51
N SER D 75 19.70 -38.83 11.63
CA SER D 75 18.38 -39.44 11.81
C SER D 75 17.34 -38.93 10.81
N SER D 76 17.53 -37.71 10.30
CA SER D 76 16.57 -37.17 9.37
C SER D 76 17.18 -36.91 7.99
N SER D 77 18.40 -37.39 7.79
CA SER D 77 19.11 -37.25 6.52
C SER D 77 19.15 -35.79 6.09
N THR D 78 19.50 -34.90 7.01
CA THR D 78 19.47 -33.48 6.70
C THR D 78 20.81 -32.87 7.05
N ALA D 79 21.36 -32.10 6.10
CA ALA D 79 22.57 -31.30 6.33
C ALA D 79 22.17 -29.88 6.61
N TYR D 80 22.99 -29.21 7.42
CA TYR D 80 22.73 -27.83 7.80
C TYR D 80 23.99 -27.00 7.59
N MET D 81 23.78 -25.75 7.22
CA MET D 81 24.88 -24.79 7.23
C MET D 81 24.48 -23.57 8.03
N GLU D 82 25.28 -23.23 9.03
CA GLU D 82 25.06 -22.01 9.77
C GLU D 82 26.03 -20.95 9.27
N LEU D 83 25.50 -19.79 8.92
CA LEU D 83 26.34 -18.65 8.57
C LEU D 83 26.23 -17.64 9.69
N ARG D 84 27.35 -17.22 10.24
CA ARG D 84 27.35 -16.31 11.39
C ARG D 84 27.94 -14.94 11.05
N SER D 85 27.72 -14.00 11.97
CA SER D 85 28.28 -12.64 11.90
C SER D 85 28.01 -12.01 10.54
N LEU D 86 26.74 -11.96 10.17
CA LEU D 86 26.42 -11.76 8.77
C LEU D 86 26.63 -10.32 8.32
N THR D 87 27.03 -10.17 7.05
CA THR D 87 27.11 -8.85 6.41
C THR D 87 26.42 -8.89 5.07
N SER D 88 26.24 -7.74 4.43
CA SER D 88 25.60 -7.72 3.11
C SER D 88 26.38 -8.56 2.08
N GLU D 89 27.67 -8.79 2.31
CA GLU D 89 28.45 -9.62 1.39
C GLU D 89 28.03 -11.07 1.47
N ASP D 90 27.32 -11.43 2.53
CA ASP D 90 26.83 -12.82 2.63
C ASP D 90 25.52 -12.99 1.89
N SER D 91 24.93 -11.89 1.41
CA SER D 91 23.73 -12.03 0.56
C SER D 91 24.07 -12.77 -0.72
N ALA D 92 23.38 -13.89 -0.97
CA ALA D 92 23.74 -14.80 -2.05
C ALA D 92 22.71 -15.89 -2.12
N VAL D 93 22.87 -16.76 -3.11
CA VAL D 93 22.18 -18.03 -3.18
C VAL D 93 23.14 -19.11 -2.73
N TYR D 94 22.71 -19.89 -1.74
CA TYR D 94 23.51 -21.00 -1.23
C TYR D 94 22.94 -22.33 -1.67
N TYR D 95 23.82 -23.18 -2.18
CA TYR D 95 23.45 -24.51 -2.64
C TYR D 95 24.07 -25.58 -1.77
N CYS D 96 23.36 -26.68 -1.56
CA CYS D 96 24.00 -27.88 -1.04
C CYS D 96 24.24 -28.78 -2.26
N ALA D 97 25.29 -29.58 -2.22
CA ALA D 97 25.60 -30.45 -3.34
C ALA D 97 26.35 -31.67 -2.86
N ARG D 98 26.01 -32.81 -3.44
CA ARG D 98 26.58 -34.09 -3.04
C ARG D 98 27.83 -34.44 -3.84
N PHE D 99 28.86 -35.02 -3.19
CA PHE D 99 29.83 -35.81 -3.95
C PHE D 99 30.35 -37.02 -3.15
N SER D 100 31.11 -37.88 -3.83
CA SER D 100 31.64 -39.08 -3.20
C SER D 100 32.96 -38.79 -2.45
N ASN D 101 33.69 -37.79 -2.94
CA ASN D 101 34.99 -37.40 -2.39
C ASN D 101 35.41 -36.16 -3.16
N TYR D 102 36.41 -35.41 -2.69
CA TYR D 102 36.58 -34.09 -3.28
C TYR D 102 37.17 -34.08 -4.69
N VAL D 103 37.69 -35.21 -5.19
CA VAL D 103 38.12 -35.26 -6.58
C VAL D 103 36.94 -35.67 -7.48
N TYR D 104 35.82 -36.01 -6.88
CA TYR D 104 34.61 -36.36 -7.64
C TYR D 104 33.77 -35.11 -7.90
N PRO D 105 32.92 -35.15 -8.93
CA PRO D 105 32.08 -33.97 -9.17
C PRO D 105 30.91 -33.86 -8.20
N PHE D 106 30.39 -32.64 -8.10
CA PHE D 106 29.13 -32.36 -7.39
C PHE D 106 28.02 -32.94 -8.24
N ASP D 107 27.59 -34.16 -7.92
CA ASP D 107 26.76 -34.83 -8.92
C ASP D 107 25.26 -34.56 -8.79
N TYR D 108 24.81 -34.10 -7.62
CA TYR D 108 23.45 -33.58 -7.48
C TYR D 108 23.44 -32.36 -6.59
N TRP D 109 22.56 -31.42 -6.95
CA TRP D 109 22.49 -30.12 -6.31
C TRP D 109 21.10 -29.86 -5.76
N GLY D 110 21.02 -29.15 -4.63
CA GLY D 110 19.75 -28.62 -4.17
C GLY D 110 19.28 -27.47 -5.03
N GLN D 111 18.11 -26.91 -4.73
CA GLN D 111 17.53 -25.91 -5.60
C GLN D 111 17.99 -24.50 -5.25
N GLY D 112 18.73 -24.39 -4.15
CA GLY D 112 19.29 -23.11 -3.72
C GLY D 112 18.43 -22.42 -2.70
N THR D 113 19.07 -21.67 -1.81
CA THR D 113 18.39 -20.91 -0.78
C THR D 113 18.90 -19.49 -0.88
N THR D 114 17.98 -18.54 -1.05
CA THR D 114 18.38 -17.12 -1.10
C THR D 114 18.48 -16.53 0.30
N LEU D 115 19.61 -15.88 0.56
CA LEU D 115 19.81 -15.13 1.80
C LEU D 115 20.03 -13.65 1.48
N THR D 116 19.29 -12.78 2.14
CA THR D 116 19.46 -11.33 2.04
C THR D 116 19.80 -10.82 3.43
N VAL D 117 20.89 -10.08 3.53
CA VAL D 117 21.33 -9.49 4.78
C VAL D 117 21.26 -7.98 4.63
N SER D 118 20.48 -7.35 5.49
CA SER D 118 20.29 -5.91 5.42
C SER D 118 19.78 -5.33 6.72
N SER D 119 20.22 -4.11 7.02
CA SER D 119 19.71 -3.38 8.17
C SER D 119 18.48 -2.53 7.84
N ALA D 120 18.00 -2.59 6.60
CA ALA D 120 16.85 -1.76 6.20
C ALA D 120 15.60 -2.16 6.99
N LYS D 121 14.67 -1.22 7.12
CA LYS D 121 13.43 -1.49 7.83
C LYS D 121 12.36 -1.78 6.79
N THR D 122 11.40 -2.63 7.15
CA THR D 122 10.27 -2.91 6.27
C THR D 122 9.60 -1.60 5.88
N THR D 123 9.46 -1.41 4.57
CA THR D 123 8.93 -0.16 4.02
C THR D 123 8.05 -0.49 2.82
N ALA D 124 6.81 -0.04 2.85
CA ALA D 124 5.91 -0.20 1.72
C ALA D 124 6.34 0.73 0.58
N PRO D 125 6.10 0.32 -0.67
CA PRO D 125 6.50 1.14 -1.80
C PRO D 125 5.60 2.32 -2.05
N SER D 126 6.19 3.37 -2.61
CA SER D 126 5.44 4.38 -3.33
C SER D 126 5.24 3.84 -4.75
N VAL D 127 4.02 3.93 -5.26
CA VAL D 127 3.72 3.41 -6.59
C VAL D 127 3.27 4.57 -7.47
N TYR D 128 4.13 4.96 -8.41
CA TYR D 128 3.88 6.15 -9.22
C TYR D 128 3.50 5.76 -10.64
N PRO D 129 2.41 6.34 -11.15
CA PRO D 129 1.97 6.04 -12.50
C PRO D 129 2.84 6.75 -13.52
N LEU D 130 3.18 6.09 -14.60
CA LEU D 130 3.97 6.69 -15.67
C LEU D 130 3.08 6.83 -16.87
N ALA D 131 2.53 8.02 -17.06
CA ALA D 131 1.67 8.27 -18.20
C ALA D 131 2.49 8.90 -19.31
N PRO D 132 2.15 8.59 -20.56
CA PRO D 132 2.93 9.03 -21.71
C PRO D 132 3.04 10.54 -21.80
N VAL D 133 4.12 11.01 -22.43
CA VAL D 133 4.22 12.42 -22.76
C VAL D 133 3.20 12.73 -23.85
N CYS D 134 2.44 13.82 -23.82
CA CYS D 134 2.29 14.93 -22.85
C CYS D 134 1.82 16.03 -23.78
N GLY D 135 1.59 15.60 -25.01
CA GLY D 135 1.55 16.47 -26.16
C GLY D 135 2.52 15.85 -27.16
N ASP D 136 3.03 14.68 -26.80
CA ASP D 136 3.92 13.92 -27.66
C ASP D 136 3.43 12.49 -27.85
N THR D 137 4.40 11.57 -27.84
CA THR D 137 4.27 10.13 -28.19
C THR D 137 3.46 9.78 -29.44
N THR D 138 3.97 8.79 -30.17
CA THR D 138 3.40 8.42 -31.45
C THR D 138 3.57 6.91 -31.70
N GLY D 139 2.75 6.36 -32.60
CA GLY D 139 2.90 5.00 -33.06
C GLY D 139 1.60 4.24 -33.08
N SER D 140 1.65 3.01 -33.59
CA SER D 140 0.51 2.11 -33.51
C SER D 140 0.28 1.67 -32.07
N SER D 141 1.31 1.78 -31.25
CA SER D 141 1.20 1.40 -29.84
C SER D 141 1.55 2.53 -28.89
N VAL D 142 1.10 2.39 -27.66
CA VAL D 142 1.45 3.34 -26.60
C VAL D 142 1.99 2.55 -25.42
N THR D 143 3.00 3.10 -24.78
CA THR D 143 3.61 2.43 -23.65
C THR D 143 3.34 3.25 -22.39
N LEU D 144 2.93 2.53 -21.34
CA LEU D 144 2.62 3.11 -20.04
C LEU D 144 3.55 2.46 -19.04
N GLY D 145 3.66 3.04 -17.86
CA GLY D 145 4.57 2.45 -16.90
C GLY D 145 4.11 2.60 -15.48
N CYS D 146 4.84 1.92 -14.61
CA CYS D 146 4.60 1.96 -13.18
C CYS D 146 5.96 1.98 -12.49
N LEU D 147 6.21 2.97 -11.63
CA LEU D 147 7.46 3.08 -10.90
C LEU D 147 7.22 2.72 -9.43
N VAL D 148 7.85 1.65 -8.98
CA VAL D 148 7.64 1.17 -7.61
C VAL D 148 8.88 1.49 -6.80
N LYS D 149 8.79 2.51 -5.95
CA LYS D 149 10.01 3.11 -5.42
C LYS D 149 10.08 3.05 -3.90
N GLY D 150 11.26 2.70 -3.39
CA GLY D 150 11.58 2.82 -1.98
C GLY D 150 10.95 1.81 -1.04
N TYR D 151 10.99 0.54 -1.43
CA TYR D 151 10.41 -0.48 -0.58
C TYR D 151 11.46 -1.44 -0.07
N PHE D 152 11.09 -2.14 0.98
CA PHE D 152 11.95 -3.18 1.54
C PHE D 152 11.11 -4.12 2.39
N PRO D 153 11.36 -5.43 2.33
CA PRO D 153 12.30 -6.14 1.47
C PRO D 153 11.66 -6.55 0.14
N GLU D 154 12.44 -7.15 -0.75
CA GLU D 154 11.85 -7.92 -1.84
C GLU D 154 11.05 -9.05 -1.24
N PRO D 155 10.04 -9.55 -1.96
CA PRO D 155 9.58 -9.13 -3.29
C PRO D 155 8.35 -8.23 -3.26
N VAL D 156 8.04 -7.65 -4.41
CA VAL D 156 6.72 -7.13 -4.68
C VAL D 156 6.14 -8.03 -5.77
N THR D 157 4.83 -8.02 -5.89
CA THR D 157 4.17 -8.65 -7.03
C THR D 157 3.51 -7.52 -7.81
N LEU D 158 3.83 -7.44 -9.10
CA LEU D 158 3.25 -6.38 -9.92
C LEU D 158 2.48 -7.03 -11.05
N THR D 159 1.21 -6.65 -11.21
CA THR D 159 0.44 -7.07 -12.37
C THR D 159 -0.26 -5.87 -13.00
N TRP D 160 -0.78 -6.08 -14.20
CA TRP D 160 -1.50 -5.03 -14.90
C TRP D 160 -2.95 -5.47 -15.09
N ASN D 161 -3.91 -4.62 -14.70
CA ASN D 161 -5.33 -4.93 -14.75
C ASN D 161 -5.59 -6.30 -14.11
N SER D 162 -5.01 -6.48 -12.93
CA SER D 162 -5.18 -7.68 -12.11
C SER D 162 -4.64 -8.94 -12.79
N GLY D 163 -3.65 -8.76 -13.65
CA GLY D 163 -3.00 -9.88 -14.30
C GLY D 163 -3.58 -10.26 -15.66
N SER D 164 -4.75 -9.69 -15.98
CA SER D 164 -5.43 -9.97 -17.24
C SER D 164 -4.75 -9.31 -18.43
N LEU D 165 -4.04 -8.22 -18.18
CA LEU D 165 -3.20 -7.61 -19.18
C LEU D 165 -1.78 -8.16 -18.98
N SER D 166 -1.41 -9.17 -19.76
CA SER D 166 -0.16 -9.89 -19.52
C SER D 166 0.84 -9.79 -20.67
N SER D 167 0.33 -9.66 -21.90
CA SER D 167 1.21 -9.50 -23.04
C SER D 167 1.71 -8.07 -23.10
N GLY D 168 2.91 -7.89 -23.65
CA GLY D 168 3.46 -6.57 -23.84
C GLY D 168 3.94 -5.92 -22.56
N VAL D 169 4.20 -6.73 -21.53
CA VAL D 169 4.69 -6.24 -20.25
C VAL D 169 6.18 -6.50 -20.07
N HIS D 170 6.89 -5.52 -19.54
CA HIS D 170 8.25 -5.73 -19.05
C HIS D 170 8.37 -5.26 -17.63
N THR D 171 8.55 -6.20 -16.71
CA THR D 171 8.80 -5.84 -15.32
C THR D 171 10.26 -6.08 -15.05
N PHE D 172 10.94 -5.02 -14.67
CA PHE D 172 12.40 -5.05 -14.55
C PHE D 172 12.85 -5.50 -13.20
N PRO D 173 14.03 -6.13 -13.15
CA PRO D 173 14.60 -6.51 -11.85
C PRO D 173 14.76 -5.32 -10.91
N ALA D 174 14.41 -5.53 -9.65
CA ALA D 174 14.57 -4.46 -8.67
C ALA D 174 16.04 -4.15 -8.43
N ILE D 175 16.31 -2.91 -8.08
CA ILE D 175 17.66 -2.50 -7.73
C ILE D 175 17.63 -1.71 -6.43
N LEU D 176 18.78 -1.67 -5.75
CA LEU D 176 18.88 -0.91 -4.51
C LEU D 176 19.19 0.55 -4.79
N GLN D 177 18.40 1.42 -4.19
CA GLN D 177 18.60 2.85 -4.22
C GLN D 177 18.55 3.30 -2.78
N SER D 178 19.72 3.47 -2.16
CA SER D 178 19.89 3.72 -0.72
C SER D 178 19.33 2.60 0.15
N ASP D 179 19.86 1.39 -0.06
CA ASP D 179 19.22 0.11 0.27
C ASP D 179 17.74 0.25 0.62
N LEU D 180 17.02 0.87 -0.29
CA LEU D 180 15.63 0.52 -0.51
C LEU D 180 15.54 0.07 -1.95
N TYR D 181 14.57 -0.76 -2.26
CA TYR D 181 14.45 -1.24 -3.63
C TYR D 181 13.60 -0.35 -4.48
N THR D 182 13.96 -0.29 -5.76
CA THR D 182 13.12 0.35 -6.77
C THR D 182 12.96 -0.58 -7.95
N LEU D 183 11.74 -0.67 -8.47
CA LEU D 183 11.41 -1.52 -9.60
C LEU D 183 10.56 -0.70 -10.54
N SER D 184 10.54 -1.06 -11.83
CA SER D 184 9.61 -0.43 -12.76
C SER D 184 9.00 -1.49 -13.66
N SER D 185 7.86 -1.18 -14.28
CA SER D 185 7.24 -2.08 -15.21
C SER D 185 6.66 -1.22 -16.34
N SER D 186 6.81 -1.69 -17.57
CA SER D 186 6.17 -1.01 -18.70
C SER D 186 5.11 -1.95 -19.28
N VAL D 187 4.04 -1.38 -19.83
CA VAL D 187 3.07 -2.17 -20.57
C VAL D 187 2.79 -1.42 -21.87
N THR D 188 2.70 -2.17 -22.95
CA THR D 188 2.49 -1.59 -24.26
C THR D 188 1.20 -2.14 -24.81
N VAL D 189 0.30 -1.24 -25.21
CA VAL D 189 -0.98 -1.62 -25.74
C VAL D 189 -1.22 -0.88 -27.05
N THR D 190 -2.18 -1.34 -27.84
CA THR D 190 -2.48 -0.61 -29.06
C THR D 190 -3.02 0.77 -28.68
N SER D 191 -2.56 1.77 -29.41
CA SER D 191 -2.81 3.17 -29.08
C SER D 191 -4.29 3.54 -28.98
N SER D 192 -5.15 2.83 -29.71
CA SER D 192 -6.58 3.13 -29.71
C SER D 192 -7.32 2.62 -28.47
N THR D 193 -6.67 1.79 -27.66
CA THR D 193 -7.36 1.24 -26.48
C THR D 193 -7.15 2.05 -25.21
N TRP D 194 -6.25 3.01 -25.25
CA TRP D 194 -5.96 3.82 -24.06
C TRP D 194 -5.92 5.28 -24.50
N PRO D 195 -6.58 6.19 -23.74
CA PRO D 195 -7.15 6.03 -22.39
C PRO D 195 -8.59 5.51 -22.28
N SER D 196 -9.24 5.15 -23.38
CA SER D 196 -10.64 4.74 -23.29
C SER D 196 -10.83 3.48 -22.44
N GLN D 197 -9.88 2.56 -22.52
CA GLN D 197 -9.90 1.39 -21.63
C GLN D 197 -8.90 1.61 -20.51
N SER D 198 -9.39 1.51 -19.28
CA SER D 198 -8.58 1.77 -18.10
C SER D 198 -7.40 0.82 -18.00
N ILE D 199 -6.25 1.35 -17.59
CA ILE D 199 -5.12 0.48 -17.27
C ILE D 199 -4.64 0.83 -15.87
N THR D 200 -4.47 -0.20 -15.07
CA THR D 200 -4.11 -0.07 -13.66
C THR D 200 -2.92 -0.97 -13.34
N CYS D 201 -1.95 -0.39 -12.64
CA CYS D 201 -0.79 -1.07 -12.07
C CYS D 201 -1.17 -1.62 -10.70
N ASN D 202 -1.18 -2.94 -10.53
CA ASN D 202 -1.48 -3.56 -9.22
C ASN D 202 -0.20 -4.02 -8.55
N VAL D 203 0.12 -3.41 -7.42
CA VAL D 203 1.34 -3.76 -6.71
C VAL D 203 1.00 -4.30 -5.34
N ALA D 204 1.54 -5.47 -5.03
CA ALA D 204 1.39 -6.00 -3.68
C ALA D 204 2.74 -6.18 -3.05
N HIS D 205 2.84 -5.80 -1.78
CA HIS D 205 4.08 -5.94 -1.02
C HIS D 205 3.80 -6.74 0.23
N PRO D 206 4.00 -8.06 0.16
CA PRO D 206 3.57 -8.93 1.26
C PRO D 206 4.17 -8.55 2.61
N ALA D 207 5.44 -8.14 2.62
CA ALA D 207 6.09 -7.89 3.90
C ALA D 207 5.47 -6.75 4.68
N SER D 208 4.88 -5.79 3.96
CA SER D 208 4.23 -4.68 4.64
C SER D 208 2.71 -4.82 4.62
N SER D 209 2.24 -5.95 4.09
CA SER D 209 0.82 -6.23 3.97
C SER D 209 0.07 -5.17 3.19
N THR D 210 0.74 -4.57 2.21
CA THR D 210 0.12 -3.49 1.46
C THR D 210 -0.17 -3.87 0.00
N LYS D 211 -1.27 -3.33 -0.50
CA LYS D 211 -1.59 -3.43 -1.91
C LYS D 211 -1.96 -2.04 -2.43
N VAL D 212 -1.41 -1.71 -3.61
CA VAL D 212 -1.74 -0.46 -4.28
C VAL D 212 -2.32 -0.77 -5.65
N ASP D 213 -3.43 -0.14 -5.99
CA ASP D 213 -3.97 -0.29 -7.34
C ASP D 213 -3.98 1.06 -8.00
N LYS D 214 -2.93 1.35 -8.76
CA LYS D 214 -2.77 2.69 -9.31
C LYS D 214 -3.20 2.79 -10.76
N LYS D 215 -4.34 3.46 -11.00
CA LYS D 215 -4.79 3.72 -12.36
C LYS D 215 -3.84 4.70 -13.05
N ILE D 216 -3.48 4.41 -14.29
CA ILE D 216 -2.67 5.33 -15.07
C ILE D 216 -3.58 6.34 -15.76
N GLU D 217 -3.62 7.55 -15.21
CA GLU D 217 -4.44 8.62 -15.80
C GLU D 217 -3.67 9.37 -16.88
N PRO D 218 -4.34 9.73 -17.99
CA PRO D 218 -3.65 10.51 -19.02
C PRO D 218 -3.25 11.89 -18.45
N ARG D 219 -2.14 12.44 -18.93
CA ARG D 219 -1.70 13.76 -18.47
C ARG D 219 -2.61 14.88 -18.98
N ALA D 220 -2.50 16.03 -18.32
CA ALA D 220 -3.22 17.26 -18.64
C ALA D 220 -4.73 17.07 -18.54
#